data_2Y6V
#
_entry.id   2Y6V
#
_cell.length_a   140.480
_cell.length_b   87.770
_cell.length_c   125.040
_cell.angle_alpha   90.00
_cell.angle_beta   95.10
_cell.angle_gamma   90.00
#
_symmetry.space_group_name_H-M   'C 1 2 1'
#
loop_
_entity.id
_entity.type
_entity.pdbx_description
1 polymer 'PEROXISOMAL MEMBRANE PROTEIN LPX1'
2 non-polymer 'PHOSPHATE ION'
3 water water
#
_entity_poly.entity_id   1
_entity_poly.type   'polypeptide(L)'
_entity_poly.pdbx_seq_one_letter_code
;MEQNRFKKETKT(CME)SASWPRAPQSTL(CSO)ATDRLELTYDVYTSAERQRRSRTATRLNLVFLHGSGMSKVVWEYYL
PRLVAADAEGNYAIDKVLLIDQVNHGDSAVRNRGRLGTNFNWIDGARDVLKIAT(CSO)ELGSIDSHPALNVVIGHSMGG
FQALACDVLQPNLFHLLILIEPVVITRKAIGAGRPGLPPDSPQIPENLYNSLRLKT(CSO)DHFANESEYVKYMRNGSFF
TNAHSQILQNIIDFERTKASGDDEDGGPVRTKMEQAQNLLCYMNMQTFAPFLISNVKFVRKRTIHIVGARSNW(CSO)PP
QNQLFLQKTLQNYHLDVIPGGSHLVNVEAPDLVIERINHHIHEFVLTSPLQSSHIPQLTLEERAVMFDRAFDSFKNEALV
KTTKQKLAAALEHHHHHH
;
_entity_poly.pdbx_strand_id   A,B,C
#
loop_
_chem_comp.id
_chem_comp.type
_chem_comp.name
_chem_comp.formula
PO4 non-polymer 'PHOSPHATE ION' 'O4 P -3'
#
# COMPACT_ATOMS: atom_id res chain seq x y z
N GLN A 3 31.44 -31.54 -26.22
CA GLN A 3 30.66 -30.36 -26.75
C GLN A 3 31.57 -29.39 -27.50
N ASN A 4 31.44 -29.31 -28.83
CA ASN A 4 32.38 -28.56 -29.67
C ASN A 4 31.77 -27.35 -30.35
N ARG A 5 30.62 -26.91 -29.88
CA ARG A 5 29.89 -25.90 -30.61
C ARG A 5 30.05 -24.47 -30.02
N PHE A 6 30.19 -24.39 -28.71
CA PHE A 6 30.33 -23.12 -28.00
C PHE A 6 31.59 -23.08 -27.14
N LYS A 7 32.16 -21.89 -26.98
CA LYS A 7 33.21 -21.63 -25.98
C LYS A 7 32.57 -21.61 -24.59
N LYS A 8 33.11 -22.37 -23.66
CA LYS A 8 32.54 -22.40 -22.29
C LYS A 8 33.34 -21.54 -21.29
N GLU A 9 32.65 -20.61 -20.63
CA GLU A 9 33.26 -19.82 -19.59
C GLU A 9 32.40 -19.86 -18.33
N THR A 10 33.05 -20.03 -17.20
CA THR A 10 32.40 -20.08 -15.91
C THR A 10 32.70 -18.76 -15.20
N LYS A 11 31.65 -18.07 -14.80
CA LYS A 11 31.77 -16.79 -14.15
C LYS A 11 31.07 -16.83 -12.79
N THR A 12 31.39 -15.83 -11.97
CA THR A 12 30.84 -15.71 -10.63
C THR A 12 30.60 -14.24 -10.25
N CME A 13 29.45 -13.96 -9.65
CA CME A 13 29.13 -12.60 -9.22
CB CME A 13 28.34 -11.88 -10.30
SG CME A 13 26.87 -12.81 -10.58
SD CME A 13 25.82 -11.23 -11.29
CE CME A 13 26.64 -10.94 -12.84
CZ CME A 13 27.39 -9.63 -12.73
OH CME A 13 26.51 -8.67 -12.11
C CME A 13 28.35 -12.58 -7.94
O CME A 13 27.93 -13.63 -7.41
N SER A 14 28.16 -11.39 -7.40
CA SER A 14 27.38 -11.25 -6.17
C SER A 14 25.89 -11.39 -6.50
N ALA A 15 25.15 -11.93 -5.52
CA ALA A 15 23.73 -12.23 -5.67
C ALA A 15 22.94 -10.96 -5.46
N SER A 16 21.68 -10.98 -5.87
CA SER A 16 20.80 -9.85 -5.67
C SER A 16 20.59 -9.59 -4.19
N TRP A 17 20.43 -8.32 -3.89
CA TRP A 17 20.26 -7.81 -2.54
C TRP A 17 19.30 -6.62 -2.59
N PRO A 18 18.47 -6.44 -1.55
CA PRO A 18 18.24 -7.24 -0.39
C PRO A 18 17.45 -8.50 -0.74
N ARG A 19 17.23 -9.36 0.27
CA ARG A 19 16.55 -10.63 0.10
C ARG A 19 15.53 -10.85 1.21
N ALA A 20 14.84 -11.98 1.20
CA ALA A 20 13.87 -12.33 2.21
C ALA A 20 14.57 -12.47 3.56
N PRO A 21 13.86 -12.22 4.69
CA PRO A 21 14.52 -12.39 5.99
C PRO A 21 14.94 -13.83 6.22
N GLN A 22 16.08 -14.02 6.82
CA GLN A 22 16.68 -15.34 6.98
C GLN A 22 16.98 -16.11 5.67
N SER A 23 17.19 -15.41 4.56
CA SER A 23 17.83 -16.01 3.37
C SER A 23 19.22 -16.46 3.73
N THR A 24 19.89 -15.66 4.57
CA THR A 24 21.24 -15.99 5.02
C THR A 24 21.22 -16.29 6.49
N LEU A 25 22.26 -16.96 6.97
CA LEU A 25 22.37 -17.33 8.38
C LEU A 25 22.53 -16.10 9.24
N CSO A 26 23.36 -15.15 8.78
CA CSO A 26 23.48 -13.79 9.39
CB CSO A 26 24.87 -13.57 9.98
SG CSO A 26 25.28 -15.01 10.99
C CSO A 26 23.15 -12.64 8.46
O CSO A 26 23.38 -12.71 7.25
OD CSO A 26 25.06 -14.47 12.76
N ALA A 27 22.64 -11.54 9.02
CA ALA A 27 22.19 -10.39 8.20
C ALA A 27 23.35 -9.72 7.46
N THR A 28 24.54 -9.67 8.06
CA THR A 28 25.72 -9.16 7.33
C THR A 28 26.33 -10.08 6.25
N ASP A 29 25.86 -11.32 6.13
CA ASP A 29 26.34 -12.21 5.06
C ASP A 29 25.86 -11.74 3.74
N ARG A 30 26.58 -12.15 2.68
CA ARG A 30 26.24 -11.83 1.28
C ARG A 30 26.39 -13.06 0.38
N LEU A 31 25.35 -13.39 -0.36
CA LEU A 31 25.42 -14.57 -1.19
C LEU A 31 26.00 -14.31 -2.59
N GLU A 32 26.42 -15.39 -3.24
CA GLU A 32 27.03 -15.36 -4.58
C GLU A 32 26.36 -16.35 -5.48
N LEU A 33 26.49 -16.12 -6.78
CA LEU A 33 25.99 -17.00 -7.81
C LEU A 33 27.13 -17.39 -8.76
N THR A 34 27.14 -18.65 -9.17
CA THR A 34 28.05 -19.13 -10.19
C THR A 34 27.19 -19.53 -11.35
N TYR A 35 27.60 -19.19 -12.57
CA TYR A 35 26.92 -19.63 -13.80
C TYR A 35 27.89 -19.88 -14.95
N ASP A 36 27.44 -20.66 -15.94
CA ASP A 36 28.24 -20.96 -17.13
C ASP A 36 27.69 -20.22 -18.34
N VAL A 37 28.56 -19.54 -19.08
CA VAL A 37 28.17 -18.84 -20.31
C VAL A 37 28.73 -19.63 -21.48
N TYR A 38 27.87 -20.04 -22.40
CA TYR A 38 28.29 -20.63 -23.67
C TYR A 38 28.17 -19.61 -24.80
N THR A 39 29.27 -19.25 -25.41
CA THR A 39 29.24 -18.28 -26.48
C THR A 39 29.50 -18.97 -27.81
N SER A 40 28.73 -18.52 -28.81
CA SER A 40 28.89 -18.95 -30.20
C SER A 40 30.29 -18.64 -30.71
N ALA A 41 30.75 -19.53 -31.59
CA ALA A 41 32.06 -19.43 -32.20
C ALA A 41 31.88 -19.06 -33.66
N ARG A 45 30.57 -15.90 -41.17
CA ARG A 45 29.25 -16.50 -40.97
C ARG A 45 28.16 -15.46 -40.61
N ARG A 46 27.98 -15.12 -39.33
CA ARG A 46 26.98 -14.10 -38.93
C ARG A 46 26.90 -13.00 -40.00
N SER A 47 25.73 -12.79 -40.57
CA SER A 47 25.53 -11.67 -41.50
C SER A 47 25.20 -10.43 -40.65
N ARG A 48 25.15 -9.27 -41.31
CA ARG A 48 24.77 -8.01 -40.67
C ARG A 48 23.36 -8.14 -39.99
N THR A 49 22.40 -8.57 -40.82
CA THR A 49 20.96 -8.60 -40.45
C THR A 49 20.48 -9.97 -39.88
N ALA A 50 21.27 -10.58 -39.00
CA ALA A 50 20.94 -11.94 -38.52
C ALA A 50 20.67 -11.88 -37.03
N THR A 51 19.48 -12.32 -36.63
CA THR A 51 19.06 -12.27 -35.23
C THR A 51 19.89 -13.20 -34.35
N ARG A 52 20.35 -12.65 -33.23
CA ARG A 52 21.03 -13.43 -32.22
C ARG A 52 19.95 -14.07 -31.36
N LEU A 53 20.00 -15.40 -31.16
CA LEU A 53 19.14 -16.04 -30.14
C LEU A 53 19.97 -16.23 -28.90
N ASN A 54 19.41 -15.90 -27.75
CA ASN A 54 20.06 -16.10 -26.45
C ASN A 54 19.14 -16.96 -25.60
N LEU A 55 19.66 -18.02 -25.01
CA LEU A 55 18.86 -18.94 -24.24
C LEU A 55 19.30 -18.94 -22.80
N VAL A 56 18.34 -18.89 -21.88
CA VAL A 56 18.57 -18.96 -20.44
C VAL A 56 17.81 -20.19 -19.91
N PHE A 57 18.56 -21.13 -19.31
CA PHE A 57 18.00 -22.39 -18.75
C PHE A 57 18.06 -22.40 -17.23
N LEU A 58 16.91 -22.64 -16.60
CA LEU A 58 16.76 -22.58 -15.15
C LEU A 58 16.36 -23.94 -14.62
N HIS A 59 17.26 -24.57 -13.86
CA HIS A 59 17.03 -25.89 -13.33
C HIS A 59 15.90 -25.96 -12.32
N GLY A 60 15.40 -27.18 -12.08
CA GLY A 60 14.38 -27.44 -11.10
C GLY A 60 14.92 -27.64 -9.69
N SER A 61 13.99 -27.86 -8.74
CA SER A 61 14.34 -27.99 -7.34
C SER A 61 15.22 -29.18 -7.16
N GLY A 62 16.36 -28.98 -6.51
CA GLY A 62 17.24 -30.10 -6.09
C GLY A 62 18.22 -30.56 -7.16
N MET A 63 18.18 -29.93 -8.32
CA MET A 63 19.09 -30.29 -9.39
C MET A 63 20.18 -29.20 -9.53
N SER A 64 20.66 -28.94 -10.74
CA SER A 64 21.72 -27.96 -11.00
C SER A 64 21.76 -27.63 -12.48
N LYS A 65 22.58 -26.65 -12.82
CA LYS A 65 22.80 -26.25 -14.20
C LYS A 65 23.20 -27.43 -15.11
N VAL A 66 23.77 -28.48 -14.54
CA VAL A 66 24.36 -29.56 -15.32
C VAL A 66 23.32 -30.34 -16.11
N VAL A 67 22.09 -30.43 -15.62
CA VAL A 67 21.06 -31.23 -16.31
C VAL A 67 20.85 -30.77 -17.74
N TRP A 68 21.28 -29.55 -18.08
CA TRP A 68 21.05 -28.97 -19.41
C TRP A 68 22.22 -29.15 -20.35
N GLU A 69 23.33 -29.72 -19.86
CA GLU A 69 24.53 -29.87 -20.69
C GLU A 69 24.26 -30.72 -21.92
N TYR A 70 23.50 -31.80 -21.76
CA TYR A 70 23.13 -32.67 -22.87
C TYR A 70 22.38 -31.92 -23.99
N TYR A 71 21.75 -30.80 -23.64
CA TYR A 71 20.92 -30.08 -24.58
C TYR A 71 21.79 -29.34 -25.59
N LEU A 72 22.99 -28.95 -25.19
CA LEU A 72 23.74 -27.94 -25.92
C LEU A 72 24.04 -28.31 -27.37
N PRO A 73 24.43 -29.56 -27.64
CA PRO A 73 24.75 -29.92 -29.03
C PRO A 73 23.52 -30.07 -29.91
N ARG A 74 22.36 -30.22 -29.31
CA ARG A 74 21.14 -30.63 -30.01
C ARG A 74 20.14 -29.48 -30.14
N LEU A 75 20.50 -28.30 -29.66
CA LEU A 75 19.61 -27.15 -29.80
C LEU A 75 19.55 -26.64 -31.22
N VAL A 76 18.54 -25.83 -31.49
CA VAL A 76 18.21 -25.36 -32.82
C VAL A 76 19.42 -25.02 -33.69
N ALA A 77 19.50 -25.66 -34.86
CA ALA A 77 20.56 -25.37 -35.84
C ALA A 77 20.41 -23.96 -36.43
N ALA A 78 21.54 -23.29 -36.66
CA ALA A 78 21.51 -22.06 -37.43
C ALA A 78 20.67 -22.36 -38.67
N ASP A 79 19.80 -21.44 -39.06
CA ASP A 79 18.89 -21.70 -40.21
C ASP A 79 19.43 -21.15 -41.56
N TYR A 84 18.79 -16.93 -38.48
CA TYR A 84 19.11 -16.80 -37.06
C TYR A 84 20.18 -17.80 -36.60
N ALA A 85 20.58 -17.70 -35.34
CA ALA A 85 21.69 -18.47 -34.77
C ALA A 85 21.83 -18.24 -33.25
N ILE A 86 22.12 -19.30 -32.50
CA ILE A 86 22.29 -19.19 -31.08
C ILE A 86 23.60 -18.48 -30.87
N ASP A 87 23.56 -17.43 -30.05
CA ASP A 87 24.71 -16.60 -29.78
C ASP A 87 25.22 -16.81 -28.36
N LYS A 88 24.34 -16.77 -27.35
CA LYS A 88 24.71 -17.19 -25.97
C LYS A 88 23.73 -18.20 -25.42
N VAL A 89 24.21 -19.05 -24.52
CA VAL A 89 23.35 -19.85 -23.68
C VAL A 89 23.85 -19.68 -22.24
N LEU A 90 22.95 -19.35 -21.31
CA LEU A 90 23.31 -19.20 -19.88
C LEU A 90 22.74 -20.35 -19.07
N LEU A 91 23.60 -21.11 -18.38
CA LEU A 91 23.14 -22.15 -17.48
C LEU A 91 23.46 -21.72 -16.05
N ILE A 92 22.41 -21.48 -15.25
CA ILE A 92 22.52 -20.82 -13.93
C ILE A 92 22.24 -21.79 -12.76
N ASP A 93 23.06 -21.71 -11.69
CA ASP A 93 22.86 -22.44 -10.44
C ASP A 93 22.33 -21.46 -9.40
N GLN A 94 21.15 -21.76 -8.85
CA GLN A 94 20.55 -20.91 -7.81
C GLN A 94 21.44 -20.92 -6.58
N VAL A 95 21.32 -19.89 -5.75
CA VAL A 95 22.23 -19.70 -4.61
C VAL A 95 22.49 -20.95 -3.79
N ASN A 96 21.50 -21.83 -3.68
CA ASN A 96 21.60 -23.00 -2.79
C ASN A 96 21.69 -24.32 -3.54
N HIS A 97 21.98 -24.31 -4.83
CA HIS A 97 22.19 -25.51 -5.63
C HIS A 97 23.59 -25.48 -6.24
N GLY A 98 24.09 -26.66 -6.60
CA GLY A 98 25.31 -26.81 -7.41
C GLY A 98 26.52 -26.02 -6.92
N ASP A 99 27.17 -25.33 -7.85
CA ASP A 99 28.41 -24.66 -7.56
C ASP A 99 28.17 -23.42 -6.69
N SER A 100 26.98 -22.84 -6.82
CA SER A 100 26.59 -21.69 -5.99
C SER A 100 26.45 -22.15 -4.55
N ALA A 101 25.92 -23.36 -4.37
CA ALA A 101 25.81 -23.92 -3.04
C ALA A 101 27.19 -23.99 -2.39
N VAL A 102 28.20 -24.43 -3.15
CA VAL A 102 29.55 -24.65 -2.65
C VAL A 102 30.20 -23.32 -2.32
N ARG A 103 30.01 -22.29 -3.16
CA ARG A 103 30.52 -20.92 -2.83
C ARG A 103 29.93 -20.39 -1.54
N ASN A 104 28.64 -20.70 -1.37
CA ASN A 104 27.83 -20.10 -0.33
C ASN A 104 27.87 -20.92 0.97
N ARG A 105 28.68 -21.98 1.03
CA ARG A 105 28.69 -22.85 2.22
C ARG A 105 28.92 -22.05 3.49
N GLY A 106 28.03 -22.25 4.47
CA GLY A 106 28.09 -21.54 5.75
C GLY A 106 27.15 -20.34 5.83
N ARG A 107 26.72 -19.81 4.68
CA ARG A 107 25.96 -18.54 4.64
C ARG A 107 24.45 -18.65 4.40
N LEU A 108 23.98 -19.76 3.86
CA LEU A 108 22.55 -19.89 3.57
C LEU A 108 21.72 -20.03 4.86
N GLY A 109 20.52 -19.47 4.82
CA GLY A 109 19.59 -19.56 5.93
C GLY A 109 18.48 -20.51 5.58
N THR A 110 17.35 -20.38 6.28
CA THR A 110 16.26 -21.32 6.11
C THR A 110 15.23 -20.83 5.07
N ASN A 111 15.21 -19.53 4.77
CA ASN A 111 14.16 -18.91 3.95
C ASN A 111 14.61 -18.70 2.46
N PHE A 112 14.47 -19.76 1.66
CA PHE A 112 14.73 -19.64 0.23
C PHE A 112 13.43 -19.30 -0.52
N ASN A 113 13.35 -18.05 -0.95
CA ASN A 113 12.19 -17.49 -1.64
C ASN A 113 12.40 -17.52 -3.16
N TRP A 114 11.56 -18.23 -3.88
CA TRP A 114 11.79 -18.38 -5.33
C TRP A 114 11.86 -17.05 -6.10
N ILE A 115 11.16 -16.00 -5.64
CA ILE A 115 11.17 -14.68 -6.34
C ILE A 115 12.54 -14.03 -6.16
N ASP A 116 13.14 -14.18 -4.97
CA ASP A 116 14.56 -13.81 -4.79
C ASP A 116 15.45 -14.45 -5.88
N GLY A 117 15.19 -15.73 -6.14
CA GLY A 117 15.92 -16.48 -7.18
C GLY A 117 15.73 -15.96 -8.58
N ALA A 118 14.50 -15.53 -8.89
CA ALA A 118 14.20 -14.83 -10.13
C ALA A 118 14.99 -13.50 -10.21
N ARG A 119 15.09 -12.76 -9.09
CA ARG A 119 15.88 -11.52 -9.10
C ARG A 119 17.37 -11.82 -9.44
N ASP A 120 17.83 -13.04 -9.08
CA ASP A 120 19.21 -13.47 -9.33
C ASP A 120 19.43 -13.67 -10.85
N VAL A 121 18.49 -14.40 -11.43
CA VAL A 121 18.43 -14.63 -12.86
C VAL A 121 18.42 -13.31 -13.65
N LEU A 122 17.62 -12.34 -13.23
CA LEU A 122 17.56 -11.07 -13.97
C LEU A 122 18.90 -10.39 -13.88
N LYS A 123 19.50 -10.42 -12.69
CA LYS A 123 20.78 -9.75 -12.45
C LYS A 123 21.87 -10.26 -13.42
N ILE A 124 21.99 -11.59 -13.53
CA ILE A 124 22.91 -12.24 -14.46
C ILE A 124 22.50 -11.96 -15.91
N ALA A 125 21.24 -12.26 -16.24
CA ALA A 125 20.74 -12.17 -17.64
C ALA A 125 20.83 -10.76 -18.16
N THR A 126 20.48 -9.83 -17.28
CA THR A 126 20.45 -8.42 -17.61
C THR A 126 21.83 -7.93 -18.00
N CSO A 127 22.83 -8.42 -17.31
CA CSO A 127 24.18 -8.00 -17.55
CB CSO A 127 24.98 -8.30 -16.30
SG CSO A 127 26.63 -7.82 -16.57
C CSO A 127 24.80 -8.72 -18.75
O CSO A 127 25.46 -8.10 -19.59
OD CSO A 127 27.70 -9.27 -16.40
N GLU A 128 24.55 -10.02 -18.86
CA GLU A 128 25.09 -10.84 -19.91
C GLU A 128 24.51 -10.53 -21.29
N LEU A 129 23.24 -10.13 -21.34
CA LEU A 129 22.54 -9.92 -22.61
C LEU A 129 22.39 -8.46 -22.93
N GLY A 130 23.02 -7.59 -22.14
CA GLY A 130 22.82 -6.12 -22.26
C GLY A 130 23.75 -5.33 -23.19
N SER A 131 24.72 -6.04 -23.75
CA SER A 131 25.73 -5.39 -24.57
C SER A 131 25.11 -4.91 -25.88
N ILE A 132 25.50 -3.73 -26.34
CA ILE A 132 25.11 -3.21 -27.67
C ILE A 132 25.45 -4.24 -28.76
N ASP A 133 26.52 -4.98 -28.50
CA ASP A 133 26.95 -6.12 -29.30
C ASP A 133 25.81 -7.18 -29.56
N SER A 134 25.07 -7.59 -28.51
CA SER A 134 23.93 -8.54 -28.63
C SER A 134 22.79 -8.12 -29.61
N HIS A 135 22.67 -6.83 -29.92
CA HIS A 135 21.54 -6.35 -30.75
C HIS A 135 21.75 -6.69 -32.24
N PRO A 136 20.67 -7.13 -32.93
CA PRO A 136 19.30 -7.38 -32.50
C PRO A 136 19.17 -8.78 -31.91
N ALA A 137 18.42 -8.90 -30.81
CA ALA A 137 18.38 -10.12 -30.02
C ALA A 137 16.96 -10.64 -29.86
N LEU A 138 16.78 -11.95 -29.88
CA LEU A 138 15.58 -12.54 -29.33
C LEU A 138 16.02 -13.42 -28.17
N ASN A 139 15.46 -13.20 -26.98
CA ASN A 139 15.87 -13.90 -25.76
C ASN A 139 14.82 -14.92 -25.34
N VAL A 140 15.26 -16.10 -24.97
CA VAL A 140 14.36 -17.18 -24.60
C VAL A 140 14.67 -17.70 -23.21
N VAL A 141 13.66 -17.82 -22.36
CA VAL A 141 13.87 -18.43 -21.04
C VAL A 141 13.15 -19.79 -21.00
N ILE A 142 13.91 -20.83 -20.65
CA ILE A 142 13.38 -22.19 -20.47
C ILE A 142 13.59 -22.56 -19.01
N GLY A 143 12.51 -22.94 -18.32
CA GLY A 143 12.61 -23.37 -16.92
C GLY A 143 11.87 -24.67 -16.62
N HIS A 144 12.40 -25.48 -15.70
CA HIS A 144 11.71 -26.69 -15.22
C HIS A 144 11.30 -26.57 -13.74
N SER A 145 10.12 -27.06 -13.41
CA SER A 145 9.66 -27.07 -12.01
C SER A 145 9.86 -25.69 -11.35
N MET A 146 10.60 -25.62 -10.25
CA MET A 146 10.93 -24.33 -9.67
C MET A 146 11.31 -23.32 -10.76
N GLY A 147 12.14 -23.72 -11.71
CA GLY A 147 12.63 -22.81 -12.75
C GLY A 147 11.52 -22.29 -13.67
N GLY A 148 10.47 -23.07 -13.84
CA GLY A 148 9.33 -22.62 -14.61
C GLY A 148 8.65 -21.45 -13.93
N PHE A 149 8.38 -21.62 -12.63
CA PHE A 149 7.91 -20.52 -11.78
C PHE A 149 8.78 -19.27 -11.95
N GLN A 150 10.09 -19.43 -11.85
CA GLN A 150 11.01 -18.30 -11.91
C GLN A 150 11.04 -17.63 -13.28
N ALA A 151 10.85 -18.37 -14.36
CA ALA A 151 10.75 -17.77 -15.68
C ALA A 151 9.60 -16.77 -15.70
N LEU A 152 8.43 -17.19 -15.22
CA LEU A 152 7.27 -16.33 -15.12
C LEU A 152 7.53 -15.11 -14.21
N ALA A 153 8.22 -15.34 -13.09
CA ALA A 153 8.51 -14.24 -12.15
C ALA A 153 9.47 -13.21 -12.76
N CYS A 154 10.40 -13.68 -13.61
CA CYS A 154 11.33 -12.82 -14.31
C CYS A 154 10.61 -11.82 -15.21
N ASP A 155 9.63 -12.32 -15.97
CA ASP A 155 8.86 -11.45 -16.84
C ASP A 155 8.07 -10.44 -16.01
N VAL A 156 7.49 -10.88 -14.89
CA VAL A 156 6.63 -10.01 -14.05
C VAL A 156 7.44 -8.83 -13.55
N LEU A 157 8.63 -9.12 -13.05
CA LEU A 157 9.50 -8.10 -12.45
C LEU A 157 10.25 -7.25 -13.47
N GLN A 158 10.32 -7.74 -14.72
CA GLN A 158 11.09 -7.15 -15.83
C GLN A 158 10.53 -7.69 -17.16
N PRO A 159 9.42 -7.09 -17.64
CA PRO A 159 8.71 -7.57 -18.80
C PRO A 159 9.32 -7.20 -20.18
N ASN A 160 10.54 -6.66 -20.21
CA ASN A 160 11.21 -6.26 -21.46
C ASN A 160 12.49 -7.06 -21.83
N LEU A 161 12.75 -8.18 -21.17
CA LEU A 161 13.93 -8.99 -21.44
C LEU A 161 13.68 -10.22 -22.31
N PHE A 162 12.77 -11.09 -21.88
CA PHE A 162 12.45 -12.34 -22.59
C PHE A 162 11.27 -12.24 -23.57
N HIS A 163 11.49 -12.72 -24.78
CA HIS A 163 10.50 -12.64 -25.85
C HIS A 163 9.65 -13.88 -25.88
N LEU A 164 10.16 -14.97 -25.32
CA LEU A 164 9.51 -16.27 -25.39
C LEU A 164 9.81 -17.05 -24.12
N LEU A 165 8.78 -17.60 -23.50
CA LEU A 165 8.91 -18.39 -22.28
C LEU A 165 8.59 -19.86 -22.60
N ILE A 166 9.42 -20.77 -22.08
CA ILE A 166 9.17 -22.22 -22.21
C ILE A 166 9.16 -22.88 -20.81
N LEU A 167 7.98 -23.33 -20.39
CA LEU A 167 7.81 -23.87 -19.07
C LEU A 167 7.70 -25.40 -19.15
N ILE A 168 8.63 -26.12 -18.52
CA ILE A 168 8.58 -27.57 -18.50
C ILE A 168 8.14 -28.00 -17.11
N GLU A 169 6.93 -28.53 -16.99
CA GLU A 169 6.37 -28.93 -15.69
C GLU A 169 6.54 -27.83 -14.62
N PRO A 170 6.19 -26.57 -14.95
CA PRO A 170 6.19 -25.52 -13.93
C PRO A 170 5.34 -25.85 -12.68
N VAL A 171 5.93 -25.63 -11.51
CA VAL A 171 5.22 -25.75 -10.23
C VAL A 171 4.83 -24.33 -9.79
N VAL A 172 3.54 -24.03 -9.88
CA VAL A 172 2.96 -22.77 -9.43
C VAL A 172 1.81 -22.95 -8.41
N ILE A 173 0.76 -23.68 -8.75
CA ILE A 173 -0.28 -24.02 -7.75
C ILE A 173 -0.08 -25.44 -7.19
N THR A 174 0.03 -25.56 -5.88
CA THR A 174 0.28 -26.83 -5.23
C THR A 174 -0.96 -27.34 -4.48
N ARG A 175 -0.91 -28.59 -4.03
CA ARG A 175 -1.93 -29.16 -3.15
C ARG A 175 -1.90 -28.59 -1.73
N LYS A 176 -3.05 -28.12 -1.24
CA LYS A 176 -3.18 -27.78 0.19
C LYS A 176 -3.26 -29.09 1.04
N ALA A 177 -2.37 -29.18 2.05
CA ALA A 177 -2.36 -30.30 3.00
C ALA A 177 -3.67 -30.45 3.77
N ILE A 178 -3.92 -31.67 4.25
CA ILE A 178 -5.13 -31.93 5.02
C ILE A 178 -4.91 -31.59 6.52
N GLY A 179 -4.72 -30.32 6.84
CA GLY A 179 -4.75 -29.87 8.27
C GLY A 179 -3.76 -30.55 9.23
N PRO A 186 -0.82 -17.57 10.75
CA PRO A 186 -1.27 -16.69 9.63
C PRO A 186 -1.42 -17.40 8.27
N PRO A 187 -2.39 -16.94 7.42
CA PRO A 187 -2.86 -17.71 6.24
C PRO A 187 -1.80 -17.96 5.18
N ASP A 188 -0.64 -17.28 5.30
CA ASP A 188 0.48 -17.49 4.36
C ASP A 188 1.73 -18.02 5.08
N SER A 189 1.54 -18.81 6.13
CA SER A 189 2.67 -19.44 6.82
C SER A 189 3.26 -20.63 6.03
N PRO A 190 4.57 -20.88 6.18
CA PRO A 190 5.15 -22.04 5.50
C PRO A 190 4.51 -23.30 6.05
N GLN A 191 4.18 -24.24 5.15
CA GLN A 191 3.57 -25.53 5.56
C GLN A 191 4.06 -26.63 4.61
N ILE A 192 4.34 -27.81 5.14
CA ILE A 192 4.50 -29.03 4.34
C ILE A 192 3.83 -30.21 5.07
N PRO A 193 3.19 -31.11 4.34
CA PRO A 193 2.61 -32.30 4.99
C PRO A 193 3.67 -33.30 5.43
N GLU A 194 3.52 -33.88 6.61
CA GLU A 194 4.55 -34.79 7.10
C GLU A 194 4.87 -35.93 6.14
N ASN A 195 3.85 -36.43 5.43
CA ASN A 195 4.05 -37.57 4.51
C ASN A 195 5.01 -37.21 3.35
N LEU A 196 4.79 -36.04 2.76
CA LEU A 196 5.62 -35.55 1.67
C LEU A 196 7.04 -35.26 2.16
N TYR A 197 7.16 -34.74 3.38
CA TYR A 197 8.48 -34.44 3.94
C TYR A 197 9.30 -35.71 4.11
N ASN A 198 8.68 -36.72 4.72
CA ASN A 198 9.37 -37.98 5.08
C ASN A 198 9.88 -38.72 3.85
N SER A 199 9.21 -38.55 2.72
CA SER A 199 9.59 -39.29 1.49
C SER A 199 10.56 -38.53 0.58
N LEU A 200 10.38 -37.22 0.53
CA LEU A 200 11.41 -36.34 0.02
C LEU A 200 12.70 -36.70 0.77
N ARG A 201 12.66 -36.77 2.10
CA ARG A 201 13.90 -37.00 2.87
C ARG A 201 14.64 -38.28 2.43
N LEU A 202 13.85 -39.33 2.15
CA LEU A 202 14.38 -40.63 1.71
C LEU A 202 15.04 -40.61 0.34
N LYS A 203 14.74 -39.58 -0.46
CA LYS A 203 15.23 -39.49 -1.85
C LYS A 203 16.16 -38.29 -2.12
N THR A 204 16.63 -37.64 -1.06
CA THR A 204 17.49 -36.48 -1.18
C THR A 204 18.73 -36.59 -0.28
N CSO A 205 19.28 -37.79 -0.12
CA CSO A 205 20.48 -37.97 0.71
CB CSO A 205 20.75 -39.47 1.08
SG CSO A 205 19.26 -40.21 1.89
C CSO A 205 21.69 -37.30 0.10
O CSO A 205 21.77 -37.14 -1.13
OD CSO A 205 19.56 -40.42 3.67
N ASP A 206 22.60 -36.87 0.97
CA ASP A 206 23.74 -36.06 0.57
C ASP A 206 25.11 -36.51 1.11
N HIS A 207 25.19 -37.53 1.97
CA HIS A 207 26.50 -38.05 2.38
C HIS A 207 26.55 -39.55 2.49
N PHE A 208 27.72 -40.10 2.22
CA PHE A 208 27.85 -41.54 2.02
C PHE A 208 29.21 -42.01 2.49
N ALA A 209 29.27 -43.26 2.95
CA ALA A 209 30.49 -43.80 3.56
C ALA A 209 31.64 -43.88 2.55
N ASN A 210 31.31 -44.10 1.28
CA ASN A 210 32.32 -44.18 0.21
C ASN A 210 31.75 -44.13 -1.23
N GLU A 211 32.67 -44.11 -2.20
CA GLU A 211 32.34 -44.00 -3.62
C GLU A 211 31.31 -45.04 -4.10
N SER A 212 31.50 -46.30 -3.69
CA SER A 212 30.59 -47.38 -4.08
C SER A 212 29.16 -47.03 -3.63
N GLU A 213 29.03 -46.61 -2.36
CA GLU A 213 27.73 -46.33 -1.77
C GLU A 213 27.09 -45.08 -2.42
N TYR A 214 27.93 -44.08 -2.74
CA TYR A 214 27.48 -42.89 -3.46
C TYR A 214 26.86 -43.21 -4.82
N VAL A 215 27.59 -43.95 -5.65
CA VAL A 215 27.12 -44.32 -6.98
C VAL A 215 25.89 -45.24 -6.88
N LYS A 216 25.88 -46.10 -5.87
CA LYS A 216 24.80 -47.09 -5.68
C LYS A 216 23.49 -46.41 -5.37
N TYR A 217 23.53 -45.42 -4.47
CA TYR A 217 22.36 -44.60 -4.14
C TYR A 217 21.90 -43.75 -5.35
N MET A 218 22.83 -43.04 -5.97
CA MET A 218 22.48 -42.19 -7.13
C MET A 218 21.77 -43.03 -8.16
N ARG A 219 22.24 -44.24 -8.40
CA ARG A 219 21.64 -45.05 -9.46
C ARG A 219 20.36 -45.77 -9.05
N ASN A 220 20.17 -46.02 -7.76
CA ASN A 220 19.04 -46.84 -7.30
C ASN A 220 18.07 -46.22 -6.30
N GLY A 221 18.48 -45.13 -5.62
CA GLY A 221 17.64 -44.52 -4.59
C GLY A 221 17.30 -43.03 -4.77
N SER A 222 18.05 -42.34 -5.61
CA SER A 222 17.84 -40.92 -5.85
C SER A 222 16.57 -40.69 -6.68
N PHE A 223 16.29 -39.42 -6.98
CA PHE A 223 15.24 -39.06 -7.94
C PHE A 223 15.63 -39.32 -9.40
N PHE A 224 16.90 -39.59 -9.67
CA PHE A 224 17.39 -39.62 -11.05
C PHE A 224 17.59 -41.01 -11.69
N THR A 225 17.02 -42.05 -11.08
CA THR A 225 17.30 -43.46 -11.47
C THR A 225 16.88 -43.82 -12.91
N ASN A 226 15.86 -43.13 -13.40
CA ASN A 226 15.40 -43.28 -14.79
C ASN A 226 15.84 -42.16 -15.75
N ALA A 227 16.70 -41.25 -15.29
CA ALA A 227 17.24 -40.25 -16.18
C ALA A 227 17.99 -40.93 -17.36
N HIS A 228 18.10 -40.20 -18.47
CA HIS A 228 18.94 -40.57 -19.61
C HIS A 228 20.33 -40.87 -19.07
N SER A 229 20.92 -41.98 -19.48
CA SER A 229 22.19 -42.38 -18.88
C SER A 229 23.22 -41.25 -19.00
N GLN A 230 23.25 -40.51 -20.12
CA GLN A 230 24.22 -39.42 -20.26
C GLN A 230 23.96 -38.38 -19.17
N ILE A 231 22.70 -37.99 -19.00
CA ILE A 231 22.38 -36.96 -18.00
C ILE A 231 22.63 -37.49 -16.56
N LEU A 232 22.32 -38.77 -16.33
CA LEU A 232 22.52 -39.38 -15.01
C LEU A 232 24.02 -39.38 -14.65
N GLN A 233 24.84 -39.70 -15.65
CA GLN A 233 26.30 -39.70 -15.50
C GLN A 233 26.84 -38.28 -15.23
N ASN A 234 26.26 -37.29 -15.93
CA ASN A 234 26.63 -35.88 -15.73
C ASN A 234 26.32 -35.45 -14.29
N ILE A 235 25.12 -35.79 -13.82
CA ILE A 235 24.74 -35.50 -12.44
C ILE A 235 25.78 -36.11 -11.45
N ILE A 236 26.01 -37.43 -11.58
CA ILE A 236 26.89 -38.15 -10.63
C ILE A 236 28.28 -37.50 -10.51
N ASP A 237 28.85 -37.09 -11.65
CA ASP A 237 30.19 -36.54 -11.66
C ASP A 237 30.19 -35.09 -11.22
N PHE A 238 29.08 -34.40 -11.42
CA PHE A 238 28.98 -32.99 -11.04
C PHE A 238 28.78 -32.84 -9.52
N GLU A 239 27.99 -33.71 -8.93
CA GLU A 239 27.64 -33.56 -7.52
C GLU A 239 28.75 -34.07 -6.59
N ARG A 240 29.56 -35.01 -7.06
CA ARG A 240 30.61 -35.60 -6.24
C ARG A 240 31.51 -34.53 -5.63
N THR A 241 31.69 -34.58 -4.30
CA THR A 241 32.74 -33.82 -3.62
C THR A 241 33.35 -34.60 -2.45
N LYS A 242 34.63 -34.33 -2.17
CA LYS A 242 35.41 -35.07 -1.18
C LYS A 242 35.94 -34.15 -0.06
N GLY A 251 37.45 -43.02 1.44
CA GLY A 251 36.91 -41.81 2.04
C GLY A 251 35.44 -41.50 1.72
N PRO A 252 34.73 -40.79 2.64
CA PRO A 252 33.32 -40.38 2.49
C PRO A 252 33.11 -39.42 1.32
N VAL A 253 31.90 -39.46 0.75
CA VAL A 253 31.53 -38.62 -0.37
C VAL A 253 30.28 -37.83 0.03
N ARG A 254 30.32 -36.54 -0.30
CA ARG A 254 29.27 -35.57 0.06
C ARG A 254 28.83 -34.95 -1.25
N THR A 255 27.54 -34.67 -1.41
CA THR A 255 27.08 -34.03 -2.64
C THR A 255 27.10 -32.50 -2.54
N LYS A 256 27.13 -31.82 -3.69
CA LYS A 256 27.05 -30.38 -3.72
C LYS A 256 25.71 -29.94 -3.16
N MET A 257 24.63 -30.54 -3.66
CA MET A 257 23.29 -30.28 -3.15
C MET A 257 23.25 -30.80 -1.74
N GLU A 258 22.83 -29.93 -0.83
CA GLU A 258 22.74 -30.19 0.59
C GLU A 258 21.30 -30.64 0.89
N GLN A 259 21.12 -31.65 1.75
CA GLN A 259 19.78 -32.19 1.94
C GLN A 259 18.82 -31.18 2.56
N ALA A 260 19.26 -30.46 3.58
CA ALA A 260 18.40 -29.45 4.21
C ALA A 260 17.87 -28.45 3.18
N GLN A 261 18.73 -27.97 2.29
CA GLN A 261 18.33 -26.98 1.28
C GLN A 261 17.37 -27.57 0.27
N ASN A 262 17.66 -28.80 -0.14
CA ASN A 262 16.78 -29.54 -1.01
C ASN A 262 15.36 -29.56 -0.43
N LEU A 263 15.24 -30.05 0.81
CA LEU A 263 13.95 -30.08 1.50
C LEU A 263 13.36 -28.69 1.66
N LEU A 264 14.21 -27.69 1.94
CA LEU A 264 13.76 -26.28 2.08
C LEU A 264 13.11 -25.73 0.81
N CYS A 265 13.42 -26.30 -0.37
CA CYS A 265 12.79 -25.91 -1.61
C CYS A 265 11.29 -26.25 -1.69
N TYR A 266 10.81 -27.14 -0.81
CA TYR A 266 9.41 -27.54 -0.77
C TYR A 266 8.61 -27.07 0.47
N MET A 267 9.24 -26.31 1.38
CA MET A 267 8.61 -25.99 2.65
C MET A 267 8.10 -24.53 2.79
N ASN A 268 8.17 -23.71 1.72
CA ASN A 268 8.01 -22.24 1.81
C ASN A 268 7.06 -21.60 0.78
N MET A 269 6.32 -22.39 0.02
CA MET A 269 5.62 -21.88 -1.17
C MET A 269 4.65 -20.80 -0.79
N GLN A 270 4.01 -20.97 0.36
CA GLN A 270 2.97 -20.07 0.77
C GLN A 270 3.49 -18.66 0.97
N THR A 271 4.82 -18.51 1.14
CA THR A 271 5.39 -17.20 1.41
C THR A 271 5.67 -16.38 0.16
N PHE A 272 5.57 -16.99 -1.03
CA PHE A 272 5.77 -16.26 -2.30
C PHE A 272 4.87 -16.69 -3.48
N ALA A 273 4.20 -17.83 -3.43
CA ALA A 273 3.36 -18.21 -4.58
C ALA A 273 2.20 -17.23 -4.85
N PRO A 274 1.53 -16.72 -3.81
CA PRO A 274 0.41 -15.80 -4.11
C PRO A 274 0.75 -14.60 -4.95
N PHE A 275 1.94 -14.02 -4.72
CA PHE A 275 2.37 -12.85 -5.48
C PHE A 275 2.47 -13.15 -6.94
N LEU A 276 3.05 -14.30 -7.30
CA LEU A 276 3.14 -14.68 -8.70
C LEU A 276 1.79 -15.05 -9.29
N ILE A 277 1.06 -15.93 -8.60
CA ILE A 277 -0.32 -16.29 -8.99
C ILE A 277 -1.15 -15.05 -9.36
N SER A 278 -1.03 -13.98 -8.60
CA SER A 278 -1.78 -12.75 -8.81
C SER A 278 -1.34 -11.96 -10.04
N ASN A 279 -0.16 -12.26 -10.58
CA ASN A 279 0.50 -11.44 -11.61
C ASN A 279 0.76 -12.15 -12.95
N VAL A 280 0.39 -13.43 -13.04
CA VAL A 280 0.51 -14.17 -14.32
C VAL A 280 -0.35 -13.51 -15.42
N LYS A 281 -1.48 -12.92 -15.08
CA LYS A 281 -2.30 -12.16 -16.03
C LYS A 281 -1.55 -11.02 -16.72
N PHE A 282 -0.38 -10.62 -16.23
CA PHE A 282 0.44 -9.56 -16.91
C PHE A 282 1.54 -10.14 -17.77
N VAL A 283 1.66 -11.47 -17.87
CA VAL A 283 2.69 -12.04 -18.74
C VAL A 283 2.14 -12.22 -20.15
N ARG A 284 2.42 -11.25 -21.01
CA ARG A 284 1.86 -11.23 -22.35
C ARG A 284 2.59 -12.06 -23.35
N LYS A 285 3.73 -12.61 -22.97
CA LYS A 285 4.62 -13.24 -23.93
C LYS A 285 4.08 -14.60 -24.36
N ARG A 286 4.45 -15.00 -25.56
CA ARG A 286 4.23 -16.37 -26.01
C ARG A 286 4.79 -17.33 -24.97
N THR A 287 3.94 -18.18 -24.43
CA THR A 287 4.37 -19.08 -23.34
C THR A 287 4.10 -20.57 -23.66
N ILE A 288 5.16 -21.35 -23.75
CA ILE A 288 4.99 -22.76 -24.07
C ILE A 288 4.96 -23.58 -22.79
N HIS A 289 3.94 -24.42 -22.63
CA HIS A 289 3.77 -25.23 -21.43
C HIS A 289 3.94 -26.72 -21.77
N ILE A 290 5.12 -27.28 -21.52
CA ILE A 290 5.38 -28.67 -21.85
C ILE A 290 5.13 -29.46 -20.59
N VAL A 291 4.33 -30.54 -20.68
CA VAL A 291 4.02 -31.38 -19.53
C VAL A 291 4.14 -32.87 -19.84
N GLY A 292 4.46 -33.66 -18.82
CA GLY A 292 4.52 -35.12 -18.95
C GLY A 292 3.18 -35.79 -18.74
N ALA A 293 2.71 -36.51 -19.76
CA ALA A 293 1.40 -37.20 -19.75
C ALA A 293 1.14 -37.92 -18.45
N ARG A 294 2.18 -38.49 -17.85
CA ARG A 294 2.02 -39.33 -16.64
C ARG A 294 2.27 -38.60 -15.32
N SER A 295 2.52 -37.28 -15.36
CA SER A 295 2.77 -36.51 -14.15
C SER A 295 1.51 -36.34 -13.27
N ASN A 296 1.69 -36.61 -11.97
CA ASN A 296 0.71 -36.30 -10.90
C ASN A 296 1.25 -35.29 -9.91
N TRP A 297 2.44 -34.73 -10.21
CA TRP A 297 3.21 -33.92 -9.23
C TRP A 297 2.44 -32.70 -8.78
N CSO A 298 2.06 -31.82 -9.72
CA CSO A 298 1.07 -30.77 -9.43
CB CSO A 298 1.17 -29.58 -10.38
SG CSO A 298 2.86 -28.99 -10.62
C CSO A 298 -0.31 -31.27 -9.64
O CSO A 298 -0.50 -32.16 -10.43
OD CSO A 298 3.45 -30.04 -11.92
N PRO A 299 -1.28 -30.62 -8.99
CA PRO A 299 -2.69 -30.97 -9.20
C PRO A 299 -3.18 -30.43 -10.55
N PRO A 300 -4.38 -30.81 -11.00
CA PRO A 300 -4.99 -30.27 -12.22
C PRO A 300 -5.21 -28.75 -12.23
N GLN A 301 -5.43 -28.16 -11.05
CA GLN A 301 -5.63 -26.72 -10.89
C GLN A 301 -4.46 -25.92 -11.42
N ASN A 302 -3.25 -26.46 -11.22
CA ASN A 302 -2.00 -25.85 -11.64
C ASN A 302 -1.99 -25.58 -13.14
N GLN A 303 -2.26 -26.60 -13.89
CA GLN A 303 -2.24 -26.45 -15.33
C GLN A 303 -3.47 -25.68 -15.88
N LEU A 304 -4.64 -25.94 -15.34
CA LEU A 304 -5.81 -25.19 -15.75
C LEU A 304 -5.72 -23.72 -15.46
N PHE A 305 -4.96 -23.35 -14.42
CA PHE A 305 -4.79 -21.94 -14.06
C PHE A 305 -3.94 -21.23 -15.08
N LEU A 306 -2.80 -21.84 -15.42
CA LEU A 306 -1.91 -21.26 -16.42
C LEU A 306 -2.62 -21.11 -17.77
N GLN A 307 -3.45 -22.08 -18.11
CA GLN A 307 -4.29 -22.05 -19.32
C GLN A 307 -5.32 -20.92 -19.38
N LYS A 308 -6.05 -20.64 -18.30
CA LYS A 308 -7.05 -19.56 -18.38
C LYS A 308 -6.48 -18.16 -18.21
N THR A 309 -5.23 -18.06 -17.77
CA THR A 309 -4.66 -16.77 -17.33
C THR A 309 -3.63 -16.16 -18.29
N LEU A 310 -2.79 -17.01 -18.90
CA LEU A 310 -1.81 -16.56 -19.91
C LEU A 310 -2.48 -16.25 -21.24
N GLN A 311 -2.39 -15.02 -21.70
CA GLN A 311 -3.04 -14.58 -22.95
C GLN A 311 -2.64 -15.38 -24.18
N ASN A 312 -1.37 -15.77 -24.24
CA ASN A 312 -0.79 -16.39 -25.43
C ASN A 312 -0.14 -17.71 -25.03
N TYR A 313 -0.93 -18.77 -25.05
CA TYR A 313 -0.58 -20.03 -24.41
C TYR A 313 -0.63 -21.18 -25.41
N HIS A 314 0.30 -22.14 -25.26
CA HIS A 314 0.28 -23.39 -26.01
C HIS A 314 0.74 -24.56 -25.16
N LEU A 315 -0.04 -25.62 -25.14
CA LEU A 315 0.28 -26.83 -24.37
C LEU A 315 0.84 -27.97 -25.25
N ASP A 316 1.98 -28.56 -24.84
CA ASP A 316 2.52 -29.78 -25.42
C ASP A 316 2.57 -30.87 -24.37
N VAL A 317 1.91 -31.98 -24.64
CA VAL A 317 1.95 -33.14 -23.76
C VAL A 317 2.97 -34.19 -24.31
N ILE A 318 4.04 -34.47 -23.55
CA ILE A 318 5.02 -35.48 -23.98
C ILE A 318 4.50 -36.90 -23.62
N PRO A 319 4.06 -37.69 -24.63
CA PRO A 319 3.53 -39.02 -24.24
C PRO A 319 4.53 -39.86 -23.44
N GLY A 320 4.08 -40.45 -22.35
CA GLY A 320 4.93 -41.30 -21.50
C GLY A 320 5.64 -40.57 -20.38
N GLY A 321 5.68 -39.25 -20.46
CA GLY A 321 6.53 -38.46 -19.57
C GLY A 321 6.07 -38.27 -18.13
N SER A 322 7.05 -38.18 -17.24
CA SER A 322 6.80 -37.89 -15.83
C SER A 322 7.13 -36.42 -15.55
N HIS A 323 7.05 -36.02 -14.28
CA HIS A 323 7.43 -34.68 -13.84
C HIS A 323 8.89 -34.34 -14.18
N LEU A 324 9.76 -35.35 -14.18
CA LEU A 324 11.15 -35.15 -14.56
C LEU A 324 11.34 -35.48 -16.04
N VAL A 325 10.34 -35.12 -16.85
CA VAL A 325 10.42 -35.41 -18.27
C VAL A 325 11.63 -34.72 -18.94
N ASN A 326 12.15 -33.64 -18.35
CA ASN A 326 13.27 -32.92 -18.93
C ASN A 326 14.59 -33.71 -18.88
N VAL A 327 14.78 -34.54 -17.83
CA VAL A 327 15.96 -35.44 -17.72
C VAL A 327 15.71 -36.92 -18.09
N GLU A 328 14.44 -37.33 -18.21
CA GLU A 328 14.15 -38.74 -18.51
C GLU A 328 13.94 -38.99 -20.01
N ALA A 329 13.42 -37.98 -20.71
CA ALA A 329 13.16 -38.04 -22.14
C ALA A 329 13.58 -36.74 -22.80
N PRO A 330 14.88 -36.41 -22.72
CA PRO A 330 15.30 -35.11 -23.24
C PRO A 330 15.14 -34.97 -24.74
N ASP A 331 15.43 -36.01 -25.50
CA ASP A 331 15.26 -35.94 -26.97
C ASP A 331 13.89 -35.39 -27.39
N LEU A 332 12.84 -35.90 -26.75
CA LEU A 332 11.48 -35.45 -27.02
C LEU A 332 11.30 -33.97 -26.63
N VAL A 333 11.82 -33.58 -25.48
CA VAL A 333 11.67 -32.18 -25.06
C VAL A 333 12.43 -31.23 -25.99
N ILE A 334 13.66 -31.61 -26.36
CA ILE A 334 14.47 -30.82 -27.31
C ILE A 334 13.70 -30.55 -28.63
N GLU A 335 13.13 -31.61 -29.24
CA GLU A 335 12.32 -31.48 -30.46
C GLU A 335 11.27 -30.37 -30.34
N ARG A 336 10.64 -30.26 -29.17
CA ARG A 336 9.63 -29.24 -28.95
C ARG A 336 10.26 -27.84 -28.80
N ILE A 337 11.31 -27.73 -27.96
CA ILE A 337 12.04 -26.48 -27.82
C ILE A 337 12.46 -25.96 -29.23
N ASN A 338 13.05 -26.86 -30.02
CA ASN A 338 13.48 -26.48 -31.35
C ASN A 338 12.29 -26.06 -32.20
N HIS A 339 11.16 -26.74 -32.08
CA HIS A 339 9.97 -26.42 -32.91
C HIS A 339 9.38 -25.04 -32.64
N HIS A 340 9.24 -24.69 -31.36
CA HIS A 340 8.71 -23.38 -30.97
C HIS A 340 9.66 -22.22 -31.13
N ILE A 341 10.95 -22.42 -30.84
CA ILE A 341 11.92 -21.36 -31.15
C ILE A 341 11.82 -21.07 -32.64
N HIS A 342 11.72 -22.14 -33.45
CA HIS A 342 11.76 -21.99 -34.89
C HIS A 342 10.52 -21.26 -35.39
N GLU A 343 9.33 -21.65 -34.94
CA GLU A 343 8.09 -20.96 -35.39
C GLU A 343 8.10 -19.52 -34.86
N PHE A 344 8.61 -19.31 -33.65
CA PHE A 344 8.68 -17.95 -33.08
C PHE A 344 9.50 -17.02 -33.93
N VAL A 345 10.69 -17.47 -34.30
CA VAL A 345 11.62 -16.61 -35.01
C VAL A 345 11.01 -16.11 -36.32
N LEU A 346 10.15 -16.93 -36.94
CA LEU A 346 9.56 -16.59 -38.26
C LEU A 346 8.53 -15.44 -38.20
N THR A 347 7.55 -15.62 -37.32
CA THR A 347 6.50 -14.63 -37.07
C THR A 347 7.06 -13.33 -36.50
N SER A 348 8.34 -13.36 -36.10
CA SER A 348 8.94 -12.21 -35.39
C SER A 348 9.21 -11.01 -36.32
N PRO A 349 8.81 -9.81 -35.90
CA PRO A 349 9.15 -8.59 -36.65
C PRO A 349 10.65 -8.38 -36.89
N LEU A 350 10.98 -7.48 -37.81
CA LEU A 350 12.37 -7.06 -38.06
C LEU A 350 12.64 -5.79 -37.23
N GLN A 351 13.79 -5.61 -36.54
CA GLN A 351 15.10 -6.34 -36.64
C GLN A 351 16.14 -5.37 -37.27
N SER A 352 16.28 -4.20 -36.65
CA SER A 352 16.96 -3.04 -37.28
C SER A 352 18.43 -3.31 -37.67
N SER A 353 19.18 -3.95 -36.78
CA SER A 353 20.57 -4.42 -37.04
C SER A 353 21.64 -3.31 -37.19
N PRO A 356 23.65 3.57 -35.49
CA PRO A 356 23.28 4.63 -36.45
C PRO A 356 23.93 5.96 -36.07
N GLN A 357 25.11 6.27 -36.60
CA GLN A 357 25.79 7.50 -36.20
C GLN A 357 24.83 8.68 -36.40
N LEU A 358 24.19 9.13 -35.31
CA LEU A 358 23.25 10.24 -35.40
C LEU A 358 23.72 11.42 -34.54
N THR A 359 23.68 12.62 -35.12
CA THR A 359 24.12 13.83 -34.43
C THR A 359 23.01 14.29 -33.53
N LEU A 360 23.34 15.14 -32.55
CA LEU A 360 22.36 15.76 -31.67
C LEU A 360 21.27 16.48 -32.43
N GLU A 361 21.64 17.09 -33.54
CA GLU A 361 20.70 17.85 -34.38
C GLU A 361 19.76 16.92 -35.14
N GLU A 362 20.33 15.87 -35.72
CA GLU A 362 19.53 14.81 -36.33
C GLU A 362 18.54 14.19 -35.31
N ARG A 363 18.99 13.98 -34.08
CA ARG A 363 18.19 13.34 -33.04
C ARG A 363 17.04 14.24 -32.62
N ALA A 364 17.27 15.53 -32.56
CA ALA A 364 16.22 16.48 -32.12
C ALA A 364 15.09 16.58 -33.14
N VAL A 365 15.45 16.39 -34.41
CA VAL A 365 14.52 16.40 -35.51
C VAL A 365 13.69 15.12 -35.44
N MET A 366 14.36 13.98 -35.21
CA MET A 366 13.67 12.67 -35.14
C MET A 366 12.67 12.65 -33.98
N PHE A 367 13.11 13.20 -32.85
CA PHE A 367 12.31 13.22 -31.65
C PHE A 367 11.05 14.03 -31.79
N ASP A 368 11.17 15.25 -32.31
CA ASP A 368 10.02 16.19 -32.49
C ASP A 368 8.96 15.53 -33.33
N ARG A 369 9.43 14.80 -34.31
CA ARG A 369 8.56 14.06 -35.18
C ARG A 369 7.94 12.86 -34.43
N ALA A 370 8.72 12.16 -33.61
CA ALA A 370 8.21 11.08 -32.78
C ALA A 370 7.16 11.58 -31.79
N PHE A 371 7.45 12.71 -31.15
CA PHE A 371 6.53 13.35 -30.21
C PHE A 371 5.21 13.75 -30.81
N ASP A 372 5.26 14.34 -31.99
CA ASP A 372 4.05 14.74 -32.68
C ASP A 372 3.15 13.58 -33.02
N SER A 373 3.69 12.50 -33.60
CA SER A 373 2.89 11.29 -33.83
C SER A 373 2.28 10.74 -32.56
N PHE A 374 3.05 10.72 -31.48
CA PHE A 374 2.55 10.25 -30.19
C PHE A 374 1.45 11.15 -29.63
N LYS A 375 1.64 12.46 -29.76
CA LYS A 375 0.62 13.42 -29.33
C LYS A 375 -0.73 13.17 -30.04
N ASN A 376 -0.70 12.94 -31.35
CA ASN A 376 -1.95 12.74 -32.09
C ASN A 376 -2.68 11.45 -31.71
N GLU A 377 -1.93 10.38 -31.45
CA GLU A 377 -2.51 9.13 -30.92
C GLU A 377 -3.11 9.32 -29.50
N ALA A 378 -2.45 10.12 -28.66
CA ALA A 378 -2.84 10.23 -27.26
C ALA A 378 -3.92 11.27 -26.98
N LEU A 379 -4.03 12.27 -27.84
CA LEU A 379 -4.99 13.36 -27.65
C LEU A 379 -6.45 12.92 -27.81
N VAL A 380 -7.28 13.27 -26.82
CA VAL A 380 -8.72 13.02 -26.87
C VAL A 380 -9.50 14.33 -26.91
N LYS A 381 -9.99 14.67 -28.09
CA LYS A 381 -10.69 15.95 -28.32
C LYS A 381 -12.12 15.92 -27.77
N GLN B 3 24.09 24.73 3.88
CA GLN B 3 23.77 23.36 4.42
C GLN B 3 25.05 22.74 4.98
N ASN B 4 25.14 22.69 6.31
CA ASN B 4 26.41 22.35 7.01
C ASN B 4 26.41 21.00 7.76
N ARG B 5 25.40 20.20 7.51
CA ARG B 5 25.13 19.03 8.36
C ARG B 5 25.78 17.75 7.70
N PHE B 6 25.61 17.60 6.37
CA PHE B 6 26.07 16.45 5.59
C PHE B 6 27.19 16.83 4.62
N LYS B 7 27.99 15.83 4.24
CA LYS B 7 28.87 15.92 3.06
C LYS B 7 28.07 15.62 1.79
N LYS B 8 28.11 16.52 0.80
CA LYS B 8 27.42 16.33 -0.48
C LYS B 8 28.35 15.76 -1.56
N GLU B 9 27.90 14.69 -2.20
CA GLU B 9 28.59 14.12 -3.35
C GLU B 9 27.58 13.84 -4.45
N THR B 10 27.96 14.19 -5.68
CA THR B 10 27.12 13.98 -6.85
C THR B 10 27.76 12.85 -7.68
N LYS B 11 26.98 11.79 -7.88
CA LYS B 11 27.43 10.61 -8.58
C LYS B 11 26.53 10.38 -9.78
N THR B 12 27.00 9.52 -10.66
CA THR B 12 26.35 9.22 -11.95
C THR B 12 26.60 7.80 -12.37
N CME B 13 25.54 7.09 -12.76
CA CME B 13 25.64 5.68 -13.16
CB CME B 13 25.33 4.75 -11.98
SG CME B 13 23.68 5.11 -11.53
SD CME B 13 23.31 3.26 -10.74
CE CME B 13 24.43 3.34 -9.33
CZ CME B 13 25.57 2.35 -9.52
OH CME B 13 24.94 1.11 -9.93
C CME B 13 24.69 5.34 -14.29
O CME B 13 23.80 6.15 -14.67
N SER B 14 24.87 4.14 -14.84
CA SER B 14 24.04 3.72 -15.95
C SER B 14 22.63 3.34 -15.47
N ALA B 15 21.64 3.55 -16.34
CA ALA B 15 20.23 3.38 -15.96
C ALA B 15 19.87 1.94 -16.07
N SER B 16 18.75 1.56 -15.50
CA SER B 16 18.32 0.16 -15.54
C SER B 16 18.00 -0.18 -16.95
N TRP B 17 18.19 -1.46 -17.27
CA TRP B 17 18.04 -1.98 -18.63
C TRP B 17 17.55 -3.41 -18.47
N PRO B 18 16.69 -3.90 -19.37
CA PRO B 18 16.04 -3.27 -20.46
C PRO B 18 14.93 -2.35 -19.99
N ARG B 19 14.28 -1.64 -20.89
CA ARG B 19 13.25 -0.64 -20.56
C ARG B 19 12.10 -0.82 -21.52
N ALA B 20 11.06 0.01 -21.40
CA ALA B 20 9.89 -0.06 -22.27
C ALA B 20 10.29 0.31 -23.70
N PRO B 21 9.53 -0.19 -24.70
CA PRO B 21 9.94 0.14 -26.06
C PRO B 21 9.81 1.64 -26.28
N GLN B 22 10.73 2.18 -27.06
CA GLN B 22 10.80 3.62 -27.29
C GLN B 22 11.04 4.49 -26.02
N SER B 23 11.61 3.91 -24.97
CA SER B 23 12.16 4.73 -23.88
C SER B 23 13.26 5.63 -24.40
N THR B 24 14.04 5.09 -25.34
CA THR B 24 15.12 5.83 -26.00
C THR B 24 14.77 6.04 -27.43
N LEU B 25 15.43 7.01 -28.05
CA LEU B 25 15.21 7.37 -29.46
C LEU B 25 15.68 6.25 -30.39
N CSO B 26 16.84 5.67 -30.07
CA CSO B 26 17.31 4.42 -30.71
CB CSO B 26 18.59 4.64 -31.52
SG CSO B 26 18.47 5.95 -32.73
C CSO B 26 17.51 3.23 -29.75
O CSO B 26 17.87 3.38 -28.59
OD CSO B 26 18.13 5.30 -34.40
N ALA B 27 17.29 2.02 -30.24
CA ALA B 27 17.39 0.81 -29.42
C ALA B 27 18.82 0.59 -28.87
N THR B 28 19.86 0.93 -29.65
CA THR B 28 21.24 0.86 -29.12
C THR B 28 21.67 1.97 -28.11
N ASP B 29 20.83 2.99 -27.91
CA ASP B 29 21.11 4.02 -26.89
C ASP B 29 21.01 3.47 -25.49
N ARG B 30 21.73 4.09 -24.57
CA ARG B 30 21.70 3.69 -23.16
C ARG B 30 21.56 4.90 -22.25
N LEU B 31 20.59 4.86 -21.34
CA LEU B 31 20.38 6.04 -20.49
C LEU B 31 21.19 6.01 -19.17
N GLU B 32 21.33 7.19 -18.59
CA GLU B 32 22.06 7.40 -17.35
C GLU B 32 21.22 8.16 -16.36
N LEU B 33 21.58 8.00 -15.09
CA LEU B 33 20.99 8.74 -13.97
C LEU B 33 22.08 9.51 -13.23
N THR B 34 21.75 10.72 -12.81
CA THR B 34 22.58 11.49 -11.88
C THR B 34 21.82 11.59 -10.59
N TYR B 35 22.53 11.43 -9.46
CA TYR B 35 21.93 11.65 -8.13
C TYR B 35 22.92 12.23 -7.12
N ASP B 36 22.39 12.82 -6.06
CA ASP B 36 23.18 13.42 -5.00
C ASP B 36 23.07 12.56 -3.73
N VAL B 37 24.21 12.22 -3.14
CA VAL B 37 24.26 11.47 -1.89
C VAL B 37 24.73 12.41 -0.81
N TYR B 38 23.91 12.60 0.22
CA TYR B 38 24.34 13.34 1.39
C TYR B 38 24.73 12.35 2.47
N THR B 39 25.97 12.40 2.93
CA THR B 39 26.44 11.49 3.98
C THR B 39 26.64 12.22 5.30
N SER B 40 26.22 11.58 6.38
CA SER B 40 26.46 12.09 7.73
C SER B 40 27.93 12.28 8.04
N ALA B 41 28.21 13.35 8.77
CA ALA B 41 29.58 13.74 9.10
C ALA B 41 29.93 13.47 10.57
N GLU B 42 29.48 12.36 11.13
CA GLU B 42 29.78 12.13 12.55
C GLU B 42 29.58 10.69 13.03
N ARG B 43 29.78 9.71 12.14
CA ARG B 43 29.86 8.29 12.53
C ARG B 43 31.02 8.00 13.54
N ARG B 45 30.58 10.09 18.28
CA ARG B 45 29.12 10.21 18.30
C ARG B 45 28.37 8.85 18.07
N ARG B 46 28.20 8.41 16.82
CA ARG B 46 27.54 7.11 16.55
C ARG B 46 28.02 6.07 17.57
N SER B 47 27.08 5.51 18.33
CA SER B 47 27.40 4.40 19.23
C SER B 47 27.36 3.11 18.42
N ARG B 48 27.84 2.02 19.05
CA ARG B 48 27.82 0.69 18.43
C ARG B 48 26.41 0.31 18.00
N THR B 49 25.46 0.46 18.94
CA THR B 49 24.06 -0.01 18.80
C THR B 49 23.06 1.08 18.32
N ALA B 50 23.47 1.90 17.35
CA ALA B 50 22.63 3.05 16.95
C ALA B 50 22.17 2.92 15.50
N THR B 51 20.86 2.89 15.32
CA THR B 51 20.26 2.64 14.02
C THR B 51 20.58 3.76 13.05
N ARG B 52 21.01 3.38 11.85
CA ARG B 52 21.26 4.32 10.77
C ARG B 52 19.92 4.54 10.04
N LEU B 53 19.51 5.80 9.88
CA LEU B 53 18.34 6.12 9.07
C LEU B 53 18.76 6.61 7.74
N ASN B 54 18.26 5.98 6.67
CA ASN B 54 18.60 6.35 5.29
C ASN B 54 17.34 6.82 4.59
N LEU B 55 17.40 8.00 4.00
CA LEU B 55 16.23 8.55 3.37
C LEU B 55 16.44 8.64 1.87
N VAL B 56 15.41 8.28 1.12
CA VAL B 56 15.40 8.37 -0.35
C VAL B 56 14.18 9.23 -0.77
N PHE B 57 14.46 10.36 -1.43
CA PHE B 57 13.44 11.32 -1.84
C PHE B 57 13.25 11.29 -3.34
N LEU B 58 12.01 11.11 -3.79
CA LEU B 58 11.67 11.00 -5.21
C LEU B 58 10.76 12.13 -5.65
N HIS B 59 11.30 13.06 -6.43
CA HIS B 59 10.55 14.22 -6.93
C HIS B 59 9.33 13.86 -7.78
N GLY B 60 8.42 14.84 -7.91
CA GLY B 60 7.22 14.71 -8.75
C GLY B 60 7.43 15.03 -10.22
N SER B 61 6.36 14.89 -10.98
CA SER B 61 6.39 15.10 -12.43
C SER B 61 6.76 16.52 -12.72
N GLY B 62 7.81 16.71 -13.50
CA GLY B 62 8.19 18.03 -14.04
C GLY B 62 9.13 18.81 -13.17
N MET B 63 9.52 18.24 -12.03
CA MET B 63 10.40 18.92 -11.07
C MET B 63 11.78 18.29 -11.13
N SER B 64 12.49 18.25 -10.00
CA SER B 64 13.84 17.67 -9.93
C SER B 64 14.20 17.36 -8.51
N LYS B 65 15.35 16.72 -8.32
CA LYS B 65 15.91 16.52 -6.98
C LYS B 65 16.02 17.82 -6.13
N VAL B 66 16.08 18.98 -6.76
CA VAL B 66 16.37 20.21 -6.00
C VAL B 66 15.24 20.58 -5.01
N VAL B 67 14.00 20.20 -5.32
CA VAL B 67 12.88 20.61 -4.47
C VAL B 67 13.03 20.12 -3.05
N TRP B 68 13.94 19.17 -2.80
CA TRP B 68 14.15 18.58 -1.46
C TRP B 68 15.30 19.23 -0.68
N GLU B 69 16.08 20.10 -1.34
CA GLU B 69 17.26 20.69 -0.68
C GLU B 69 16.88 21.49 0.55
N TYR B 70 15.76 22.16 0.52
CA TYR B 70 15.28 22.88 1.70
C TYR B 70 15.00 21.98 2.90
N TYR B 71 14.78 20.68 2.63
CA TYR B 71 14.38 19.74 3.68
C TYR B 71 15.57 19.35 4.56
N LEU B 72 16.74 19.30 3.94
CA LEU B 72 17.91 18.64 4.54
C LEU B 72 18.21 19.17 5.95
N PRO B 73 18.23 20.51 6.14
CA PRO B 73 18.59 21.02 7.46
C PRO B 73 17.51 20.87 8.52
N ARG B 74 16.30 20.50 8.12
CA ARG B 74 15.19 20.49 9.03
C ARG B 74 14.68 19.11 9.34
N LEU B 75 15.33 18.10 8.77
CA LEU B 75 14.91 16.71 9.00
C LEU B 75 15.24 16.25 10.43
N VAL B 76 14.60 15.15 10.81
CA VAL B 76 14.66 14.63 12.17
C VAL B 76 16.03 14.77 12.81
N ALA B 77 16.09 15.44 13.94
CA ALA B 77 17.32 15.50 14.73
C ALA B 77 17.72 14.11 15.30
N ALA B 78 19.03 13.82 15.31
CA ALA B 78 19.54 12.70 16.10
C ALA B 78 18.87 12.76 17.50
N ASP B 79 18.39 11.61 17.97
CA ASP B 79 17.63 11.53 19.23
C ASP B 79 18.47 11.03 20.44
N ALA B 80 18.48 11.78 21.55
CA ALA B 80 19.24 11.36 22.73
C ALA B 80 18.82 9.93 23.14
N GLU B 81 17.62 9.84 23.72
CA GLU B 81 16.99 8.55 24.08
C GLU B 81 15.99 8.18 22.98
N GLY B 82 16.26 7.06 22.30
CA GLY B 82 15.62 6.70 21.02
C GLY B 82 16.67 6.04 20.15
N ASN B 83 17.87 6.67 20.11
CA ASN B 83 19.13 6.04 19.68
C ASN B 83 19.22 5.87 18.13
N TYR B 84 18.98 6.97 17.41
CA TYR B 84 19.06 6.96 15.92
C TYR B 84 19.62 8.25 15.33
N ALA B 85 19.90 8.23 14.04
CA ALA B 85 20.55 9.34 13.33
C ALA B 85 20.47 9.13 11.83
N ILE B 86 20.29 10.22 11.08
CA ILE B 86 20.33 10.15 9.63
C ILE B 86 21.77 9.90 9.17
N ASP B 87 21.94 8.89 8.34
CA ASP B 87 23.26 8.51 7.86
C ASP B 87 23.43 8.86 6.39
N LYS B 88 22.47 8.48 5.55
CA LYS B 88 22.46 8.89 4.14
C LYS B 88 21.13 9.43 3.68
N VAL B 89 21.18 10.49 2.87
CA VAL B 89 20.01 10.95 2.14
C VAL B 89 20.36 10.92 0.64
N LEU B 90 19.53 10.26 -0.16
CA LEU B 90 19.68 10.19 -1.61
C LEU B 90 18.57 11.02 -2.28
N LEU B 91 18.98 12.04 -3.04
CA LEU B 91 18.07 12.83 -3.87
C LEU B 91 18.31 12.43 -5.33
N ILE B 92 17.29 11.86 -5.97
CA ILE B 92 17.45 11.27 -7.34
C ILE B 92 16.72 12.03 -8.48
N ASP B 93 17.39 12.25 -9.59
CA ASP B 93 16.76 12.82 -10.80
C ASP B 93 16.40 11.70 -11.78
N GLN B 94 15.10 11.55 -12.08
CA GLN B 94 14.67 10.53 -13.05
C GLN B 94 15.30 10.83 -14.41
N VAL B 95 15.40 9.81 -15.25
CA VAL B 95 16.18 9.91 -16.53
C VAL B 95 15.84 11.15 -17.37
N ASN B 96 14.60 11.59 -17.32
CA ASN B 96 14.17 12.71 -18.15
C ASN B 96 13.88 13.96 -17.35
N HIS B 97 14.41 14.07 -16.13
CA HIS B 97 14.35 15.32 -15.35
C HIS B 97 15.74 15.79 -14.97
N GLY B 98 15.85 17.09 -14.70
CA GLY B 98 17.03 17.70 -14.08
C GLY B 98 18.34 17.36 -14.73
N ASP B 99 19.33 17.00 -13.92
CA ASP B 99 20.67 16.77 -14.41
C ASP B 99 20.73 15.49 -15.25
N SER B 100 19.86 14.52 -14.97
CA SER B 100 19.80 13.30 -15.77
C SER B 100 19.29 13.66 -17.16
N ALA B 101 18.33 14.58 -17.19
CA ALA B 101 17.84 15.06 -18.48
C ALA B 101 18.99 15.57 -19.33
N VAL B 102 19.88 16.36 -18.71
CA VAL B 102 21.01 17.00 -19.40
C VAL B 102 22.01 15.95 -19.88
N ARG B 103 22.36 14.96 -19.05
CA ARG B 103 23.25 13.85 -19.49
C ARG B 103 22.64 13.17 -20.71
N ASN B 104 21.33 12.94 -20.65
CA ASN B 104 20.65 12.06 -21.57
C ASN B 104 20.19 12.81 -22.86
N ARG B 105 20.60 14.08 -23.03
CA ARG B 105 20.13 14.89 -24.20
C ARG B 105 20.42 14.24 -25.52
N GLY B 106 19.37 14.03 -26.30
CA GLY B 106 19.49 13.32 -27.55
C GLY B 106 19.11 11.87 -27.51
N ARG B 107 18.99 11.28 -26.32
CA ARG B 107 18.69 9.86 -26.23
C ARG B 107 17.28 9.48 -25.81
N LEU B 108 16.54 10.37 -25.17
CA LEU B 108 15.20 10.01 -24.65
C LEU B 108 14.18 9.80 -25.78
N GLY B 109 13.28 8.86 -25.58
CA GLY B 109 12.23 8.57 -26.56
C GLY B 109 10.94 9.15 -26.08
N THR B 110 9.83 8.60 -26.58
CA THR B 110 8.53 9.14 -26.23
C THR B 110 7.84 8.35 -25.11
N ASN B 111 8.35 7.16 -24.77
CA ASN B 111 7.73 6.22 -23.80
C ASN B 111 8.43 6.23 -22.44
N PHE B 112 8.08 7.17 -21.59
CA PHE B 112 8.55 7.18 -20.19
C PHE B 112 7.57 6.40 -19.28
N ASN B 113 8.02 5.25 -18.81
CA ASN B 113 7.20 4.35 -18.01
C ASN B 113 7.60 4.41 -16.55
N TRP B 114 6.70 4.82 -15.68
CA TRP B 114 7.05 5.10 -14.29
C TRP B 114 7.69 3.90 -13.56
N ILE B 115 7.31 2.68 -13.92
CA ILE B 115 7.85 1.50 -13.25
C ILE B 115 9.33 1.39 -13.66
N ASP B 116 9.64 1.66 -14.94
CA ASP B 116 11.06 1.77 -15.35
C ASP B 116 11.80 2.69 -14.38
N GLY B 117 11.19 3.83 -14.08
CA GLY B 117 11.77 4.77 -13.13
C GLY B 117 11.97 4.22 -11.73
N ALA B 118 10.99 3.47 -11.24
CA ALA B 118 11.16 2.73 -10.00
C ALA B 118 12.34 1.78 -10.11
N ARG B 119 12.54 1.08 -11.25
CA ARG B 119 13.70 0.17 -11.41
C ARG B 119 15.07 0.91 -11.31
N ASP B 120 15.07 2.20 -11.67
CA ASP B 120 16.22 3.08 -11.59
C ASP B 120 16.54 3.37 -10.12
N VAL B 121 15.51 3.81 -9.39
CA VAL B 121 15.59 4.05 -7.95
C VAL B 121 16.11 2.81 -7.21
N LEU B 122 15.56 1.64 -7.48
CA LEU B 122 16.08 0.42 -6.83
C LEU B 122 17.55 0.23 -7.14
N LYS B 123 17.93 0.39 -8.41
CA LYS B 123 19.33 0.24 -8.83
C LYS B 123 20.27 1.10 -8.03
N ILE B 124 19.96 2.40 -7.91
CA ILE B 124 20.76 3.33 -7.10
C ILE B 124 20.71 2.99 -5.62
N ALA B 125 19.48 2.82 -5.07
CA ALA B 125 19.26 2.61 -3.61
C ALA B 125 19.91 1.34 -3.17
N THR B 126 19.78 0.34 -4.03
CA THR B 126 20.26 -0.98 -3.72
C THR B 126 21.75 -0.93 -3.53
N CSO B 127 22.41 -0.16 -4.35
CA CSO B 127 23.85 -0.14 -4.35
CB CSO B 127 24.32 0.37 -5.71
SG CSO B 127 26.07 0.66 -5.64
C CSO B 127 24.37 0.79 -3.25
O CSO B 127 25.39 0.48 -2.63
OD CSO B 127 26.37 2.39 -5.89
N GLU B 128 23.69 1.91 -3.03
CA GLU B 128 24.11 2.89 -2.04
C GLU B 128 23.86 2.45 -0.61
N LEU B 129 22.81 1.67 -0.40
CA LEU B 129 22.44 1.26 0.97
C LEU B 129 22.87 -0.18 1.30
N GLY B 130 23.62 -0.82 0.39
CA GLY B 130 23.92 -2.26 0.47
C GLY B 130 25.22 -2.61 1.22
N SER B 131 25.93 -1.60 1.67
CA SER B 131 27.21 -1.85 2.31
C SER B 131 26.98 -2.50 3.68
N ILE B 132 27.84 -3.45 4.05
CA ILE B 132 27.84 -4.05 5.40
C ILE B 132 28.02 -2.97 6.48
N ASP B 133 28.69 -1.87 6.05
CA ASP B 133 28.81 -0.63 6.84
C ASP B 133 27.45 -0.03 7.28
N SER B 134 26.48 0.07 6.36
CA SER B 134 25.12 0.58 6.65
C SER B 134 24.32 -0.18 7.76
N HIS B 135 24.70 -1.40 8.09
CA HIS B 135 23.94 -2.20 9.07
C HIS B 135 24.24 -1.78 10.52
N PRO B 136 23.20 -1.66 11.36
CA PRO B 136 21.78 -1.95 11.12
C PRO B 136 21.10 -0.70 10.61
N ALA B 137 20.20 -0.84 9.65
CA ALA B 137 19.66 0.30 8.94
C ALA B 137 18.16 0.23 8.91
N LEU B 138 17.49 1.38 9.03
CA LEU B 138 16.08 1.51 8.67
C LEU B 138 16.02 2.44 7.48
N ASN B 139 15.35 2.04 6.41
CA ASN B 139 15.34 2.81 5.18
C ASN B 139 13.95 3.41 4.89
N VAL B 140 13.89 4.68 4.53
CA VAL B 140 12.62 5.36 4.36
C VAL B 140 12.58 5.92 2.95
N VAL B 141 11.50 5.65 2.21
CA VAL B 141 11.28 6.27 0.89
C VAL B 141 10.15 7.32 1.00
N ILE B 142 10.45 8.56 0.59
CA ILE B 142 9.47 9.64 0.50
C ILE B 142 9.31 10.06 -0.97
N GLY B 143 8.08 10.07 -1.46
CA GLY B 143 7.80 10.46 -2.83
C GLY B 143 6.66 11.43 -3.00
N HIS B 144 6.76 12.33 -3.96
CA HIS B 144 5.63 13.19 -4.31
C HIS B 144 5.07 12.83 -5.71
N SER B 145 3.74 12.91 -5.88
CA SER B 145 3.12 12.75 -7.19
C SER B 145 3.65 11.50 -7.89
N MET B 146 4.28 11.67 -9.02
CA MET B 146 4.92 10.56 -9.70
C MET B 146 5.81 9.75 -8.74
N GLY B 147 6.51 10.44 -7.87
CA GLY B 147 7.39 9.78 -6.91
C GLY B 147 6.67 8.95 -5.87
N GLY B 148 5.44 9.31 -5.58
CA GLY B 148 4.65 8.51 -4.67
C GLY B 148 4.29 7.18 -5.24
N PHE B 149 3.82 7.17 -6.49
CA PHE B 149 3.63 5.95 -7.30
C PHE B 149 4.89 5.09 -7.31
N GLN B 150 6.04 5.71 -7.59
CA GLN B 150 7.30 4.98 -7.69
C GLN B 150 7.75 4.37 -6.35
N ALA B 151 7.49 5.06 -5.22
CA ALA B 151 7.82 4.51 -3.92
C ALA B 151 7.10 3.19 -3.75
N LEU B 152 5.77 3.18 -4.00
CA LEU B 152 4.95 1.97 -4.00
C LEU B 152 5.47 0.91 -4.99
N ALA B 153 5.89 1.32 -6.17
CA ALA B 153 6.40 0.32 -7.15
C ALA B 153 7.71 -0.31 -6.66
N CYS B 154 8.54 0.48 -5.97
CA CYS B 154 9.82 -0.02 -5.45
C CYS B 154 9.57 -1.19 -4.48
N ASP B 155 8.61 -1.02 -3.59
CA ASP B 155 8.28 -2.10 -2.66
C ASP B 155 7.75 -3.36 -3.36
N VAL B 156 6.91 -3.16 -4.37
CA VAL B 156 6.31 -4.25 -5.14
C VAL B 156 7.40 -5.08 -5.78
N LEU B 157 8.33 -4.40 -6.47
CA LEU B 157 9.42 -5.08 -7.17
C LEU B 157 10.56 -5.61 -6.25
N GLN B 158 10.66 -5.07 -5.05
CA GLN B 158 11.74 -5.39 -4.11
C GLN B 158 11.28 -5.08 -2.67
N PRO B 159 10.48 -5.99 -2.06
CA PRO B 159 9.82 -5.74 -0.80
C PRO B 159 10.74 -5.79 0.45
N ASN B 160 12.05 -5.92 0.28
CA ASN B 160 12.96 -6.05 1.42
C ASN B 160 13.95 -4.89 1.63
N LEU B 161 13.76 -3.78 0.93
CA LEU B 161 14.62 -2.60 1.04
C LEU B 161 14.06 -1.49 1.95
N PHE B 162 12.84 -1.01 1.72
CA PHE B 162 12.25 0.10 2.50
C PHE B 162 11.32 -0.31 3.66
N HIS B 163 11.56 0.26 4.84
CA HIS B 163 10.84 -0.12 6.02
C HIS B 163 9.59 0.73 6.23
N LEU B 164 9.60 1.94 5.70
CA LEU B 164 8.54 2.93 5.91
C LEU B 164 8.36 3.71 4.62
N LEU B 165 7.13 3.86 4.14
CA LEU B 165 6.84 4.61 2.91
C LEU B 165 6.19 5.92 3.31
N ILE B 166 6.56 7.04 2.69
CA ILE B 166 5.80 8.28 2.91
C ILE B 166 5.37 8.86 1.56
N LEU B 167 4.06 8.95 1.33
CA LEU B 167 3.53 9.34 0.05
C LEU B 167 2.93 10.72 0.20
N ILE B 168 3.46 11.70 -0.54
CA ILE B 168 2.89 13.05 -0.57
C ILE B 168 2.14 13.26 -1.89
N GLU B 169 0.82 13.39 -1.82
CA GLU B 169 -0.03 13.52 -3.01
C GLU B 169 0.33 12.49 -4.10
N PRO B 170 0.50 11.23 -3.71
CA PRO B 170 0.69 10.21 -4.77
C PRO B 170 -0.36 10.20 -5.92
N VAL B 171 0.12 10.14 -7.14
CA VAL B 171 -0.74 9.98 -8.33
C VAL B 171 -0.75 8.51 -8.74
N VAL B 172 -1.87 7.83 -8.50
CA VAL B 172 -2.05 6.41 -8.87
C VAL B 172 -3.30 6.25 -9.73
N ILE B 173 -4.49 6.52 -9.19
CA ILE B 173 -5.70 6.49 -10.03
C ILE B 173 -5.97 7.89 -10.61
N THR B 174 -6.14 7.97 -11.93
CA THR B 174 -6.45 9.22 -12.62
C THR B 174 -7.83 9.23 -13.28
N ARG B 175 -8.31 10.44 -13.60
CA ARG B 175 -9.63 10.64 -14.23
C ARG B 175 -9.71 10.10 -15.68
N LYS B 176 -10.67 9.22 -15.96
CA LYS B 176 -10.89 8.82 -17.36
C LYS B 176 -11.49 10.03 -18.13
N ALA B 177 -10.88 10.34 -19.28
CA ALA B 177 -11.37 11.40 -20.19
C ALA B 177 -12.75 11.07 -20.75
N ILE B 178 -13.50 12.10 -21.12
CA ILE B 178 -14.84 11.88 -21.66
C ILE B 178 -14.74 11.46 -23.13
N PRO B 186 -6.89 -0.28 -28.35
CA PRO B 186 -6.84 -1.21 -27.22
C PRO B 186 -7.07 -0.51 -25.84
N PRO B 187 -7.70 -1.23 -24.90
CA PRO B 187 -8.14 -0.65 -23.59
C PRO B 187 -7.03 -0.04 -22.73
N ASP B 188 -5.76 -0.31 -23.06
CA ASP B 188 -4.64 0.24 -22.28
C ASP B 188 -3.77 1.21 -23.08
N SER B 189 -4.36 1.83 -24.11
CA SER B 189 -3.63 2.78 -24.96
C SER B 189 -3.35 4.07 -24.19
N PRO B 190 -2.22 4.72 -24.51
CA PRO B 190 -2.00 6.05 -23.94
C PRO B 190 -3.12 7.01 -24.36
N GLN B 191 -3.62 7.81 -23.42
CA GLN B 191 -4.67 8.82 -23.67
C GLN B 191 -4.45 10.07 -22.75
N ILE B 192 -4.67 11.26 -23.29
CA ILE B 192 -4.78 12.47 -22.48
C ILE B 192 -5.87 13.38 -23.10
N PRO B 193 -6.65 14.06 -22.24
CA PRO B 193 -7.72 14.94 -22.76
C PRO B 193 -7.16 16.27 -23.30
N GLU B 194 -7.64 16.69 -24.47
CA GLU B 194 -7.07 17.85 -25.11
C GLU B 194 -7.05 19.05 -24.15
N ASN B 195 -8.06 19.17 -23.28
CA ASN B 195 -8.14 20.33 -22.38
C ASN B 195 -6.92 20.34 -21.44
N LEU B 196 -6.67 19.21 -20.78
CA LEU B 196 -5.56 19.08 -19.85
C LEU B 196 -4.23 19.32 -20.56
N TYR B 197 -4.09 18.81 -21.80
CA TYR B 197 -2.84 18.99 -22.56
C TYR B 197 -2.55 20.47 -22.82
N ASN B 198 -3.55 21.16 -23.35
CA ASN B 198 -3.38 22.56 -23.73
C ASN B 198 -2.95 23.45 -22.54
N SER B 199 -3.37 23.09 -21.33
CA SER B 199 -3.11 23.93 -20.16
C SER B 199 -1.82 23.53 -19.44
N LEU B 200 -1.53 22.23 -19.42
CA LEU B 200 -0.18 21.77 -19.11
C LEU B 200 0.82 22.50 -20.03
N ARG B 201 0.55 22.56 -21.33
CA ARG B 201 1.50 23.21 -22.25
C ARG B 201 1.79 24.64 -21.84
N LEU B 202 0.75 25.37 -21.42
CA LEU B 202 0.86 26.79 -21.05
C LEU B 202 1.68 27.04 -19.78
N LYS B 203 1.89 25.99 -18.98
CA LYS B 203 2.57 26.10 -17.69
C LYS B 203 3.87 25.26 -17.56
N THR B 204 4.41 24.81 -18.70
CA THR B 204 5.63 24.01 -18.72
C THR B 204 6.63 24.51 -19.79
N CSO B 205 6.68 25.82 -20.02
CA CSO B 205 7.56 26.37 -21.03
CB CSO B 205 7.19 27.82 -21.44
SG CSO B 205 5.40 27.98 -21.92
C CSO B 205 9.01 26.21 -20.62
O CSO B 205 9.31 26.20 -19.43
OD CSO B 205 5.27 28.21 -23.68
N ASP B 206 9.88 26.06 -21.63
CA ASP B 206 11.29 25.68 -21.46
C ASP B 206 12.33 26.51 -22.25
N HIS B 207 11.92 27.51 -23.02
CA HIS B 207 12.93 28.45 -23.60
C HIS B 207 12.45 29.89 -23.64
N PHE B 208 13.40 30.81 -23.56
CA PHE B 208 13.06 32.20 -23.30
C PHE B 208 14.10 33.11 -23.91
N ALA B 209 13.64 34.26 -24.38
CA ALA B 209 14.48 35.18 -25.12
C ALA B 209 15.71 35.59 -24.30
N ASN B 210 15.50 35.74 -23.00
CA ASN B 210 16.56 36.23 -22.10
C ASN B 210 16.27 36.08 -20.59
N GLU B 211 17.28 36.44 -19.79
CA GLU B 211 17.23 36.26 -18.35
C GLU B 211 15.97 36.90 -17.72
N SER B 212 15.66 38.12 -18.13
CA SER B 212 14.50 38.83 -17.56
C SER B 212 13.24 38.00 -17.80
N GLU B 213 13.07 37.56 -19.05
CA GLU B 213 11.88 36.80 -19.45
C GLU B 213 11.79 35.43 -18.73
N TYR B 214 12.94 34.80 -18.51
CA TYR B 214 13.02 33.52 -17.78
C TYR B 214 12.53 33.64 -16.33
N VAL B 215 13.09 34.60 -15.61
CA VAL B 215 12.71 34.81 -14.21
C VAL B 215 11.24 35.25 -14.11
N LYS B 216 10.81 36.03 -15.09
CA LYS B 216 9.44 36.59 -15.10
C LYS B 216 8.38 35.48 -15.26
N TYR B 217 8.65 34.54 -16.17
CA TYR B 217 7.79 33.37 -16.33
C TYR B 217 7.84 32.44 -15.11
N MET B 218 9.05 32.09 -14.66
CA MET B 218 9.17 31.23 -13.47
C MET B 218 8.37 31.80 -12.29
N ARG B 219 8.42 33.11 -12.10
CA ARG B 219 7.75 33.70 -10.95
C ARG B 219 6.24 33.99 -11.17
N ASN B 220 5.80 34.12 -12.43
CA ASN B 220 4.41 34.51 -12.73
C ASN B 220 3.57 33.57 -13.61
N GLY B 221 4.19 32.64 -14.34
CA GLY B 221 3.47 31.73 -15.21
C GLY B 221 3.73 30.24 -15.06
N SER B 222 4.79 29.87 -14.35
CA SER B 222 5.10 28.47 -14.11
C SER B 222 4.12 27.82 -13.10
N PHE B 223 4.35 26.54 -12.76
CA PHE B 223 3.61 25.88 -11.68
C PHE B 223 4.07 26.33 -10.29
N PHE B 224 5.22 27.00 -10.21
CA PHE B 224 5.86 27.17 -8.91
C PHE B 224 5.60 28.52 -8.20
N THR B 225 4.67 29.31 -8.75
CA THR B 225 4.56 30.75 -8.38
C THR B 225 4.25 30.98 -6.90
N ASN B 226 3.62 29.99 -6.27
CA ASN B 226 3.35 30.04 -4.84
C ASN B 226 4.27 29.16 -3.99
N ALA B 227 5.31 28.57 -4.58
CA ALA B 227 6.27 27.84 -3.76
C ALA B 227 6.88 28.74 -2.66
N HIS B 228 7.43 28.12 -1.64
CA HIS B 228 8.23 28.80 -0.64
C HIS B 228 9.31 29.54 -1.40
N SER B 229 9.57 30.80 -1.06
CA SER B 229 10.55 31.59 -1.80
C SER B 229 11.92 30.89 -1.86
N GLN B 230 12.35 30.23 -0.78
CA GLN B 230 13.64 29.53 -0.83
C GLN B 230 13.56 28.42 -1.89
N ILE B 231 12.48 27.67 -1.92
CA ILE B 231 12.40 26.56 -2.86
C ILE B 231 12.25 27.07 -4.30
N LEU B 232 11.53 28.19 -4.45
CA LEU B 232 11.30 28.81 -5.77
C LEU B 232 12.60 29.34 -6.36
N GLN B 233 13.42 29.93 -5.50
CA GLN B 233 14.74 30.38 -5.87
C GLN B 233 15.63 29.18 -6.26
N ASN B 234 15.57 28.09 -5.50
CA ASN B 234 16.39 26.92 -5.76
C ASN B 234 16.06 26.34 -7.13
N ILE B 235 14.77 26.29 -7.43
CA ILE B 235 14.31 25.83 -8.72
C ILE B 235 14.92 26.70 -9.81
N ILE B 236 14.73 28.02 -9.72
CA ILE B 236 15.16 28.97 -10.80
C ILE B 236 16.65 28.83 -11.16
N ASP B 237 17.49 28.71 -10.12
CA ASP B 237 18.92 28.63 -10.29
C ASP B 237 19.34 27.26 -10.80
N PHE B 238 18.58 26.22 -10.44
CA PHE B 238 18.92 24.85 -10.83
C PHE B 238 18.54 24.55 -12.28
N GLU B 239 17.42 25.11 -12.74
CA GLU B 239 16.92 24.85 -14.09
C GLU B 239 17.63 25.67 -15.16
N ARG B 240 18.12 26.84 -14.79
CA ARG B 240 18.80 27.74 -15.72
C ARG B 240 19.89 26.98 -16.49
N THR B 241 19.86 27.09 -17.81
CA THR B 241 21.00 26.69 -18.65
C THR B 241 21.11 27.64 -19.85
N LYS B 242 22.37 27.81 -20.31
CA LYS B 242 22.71 28.74 -21.40
C LYS B 242 23.39 28.00 -22.56
N GLY B 251 21.59 36.81 -24.01
CA GLY B 251 21.37 35.49 -24.62
C GLY B 251 20.13 34.72 -24.11
N PRO B 252 19.61 33.80 -24.95
CA PRO B 252 18.45 32.97 -24.59
C PRO B 252 18.73 32.02 -23.44
N VAL B 253 17.68 31.64 -22.71
CA VAL B 253 17.74 30.78 -21.53
C VAL B 253 16.81 29.58 -21.70
N ARG B 254 17.37 28.39 -21.52
CA ARG B 254 16.69 27.12 -21.77
C ARG B 254 16.69 26.42 -20.42
N THR B 255 15.63 25.69 -20.09
CA THR B 255 15.58 24.98 -18.82
C THR B 255 16.09 23.55 -18.95
N LYS B 256 16.45 22.95 -17.82
CA LYS B 256 16.88 21.55 -17.80
C LYS B 256 15.71 20.65 -18.12
N MET B 257 14.56 20.95 -17.52
CA MET B 257 13.35 20.23 -17.85
C MET B 257 12.87 20.67 -19.22
N GLU B 258 12.68 19.67 -20.08
CA GLU B 258 12.31 19.85 -21.46
C GLU B 258 10.79 19.81 -21.52
N GLN B 259 10.17 20.62 -22.36
CA GLN B 259 8.71 20.70 -22.33
C GLN B 259 8.05 19.42 -22.80
N ALA B 260 8.55 18.84 -23.89
CA ALA B 260 8.01 17.60 -24.42
C ALA B 260 8.00 16.49 -23.35
N GLN B 261 9.10 16.34 -22.64
CA GLN B 261 9.22 15.31 -21.61
C GLN B 261 8.28 15.57 -20.44
N ASN B 262 8.23 16.82 -20.02
CA ASN B 262 7.25 17.25 -19.05
C ASN B 262 5.85 16.75 -19.45
N LEU B 263 5.35 17.15 -20.61
CA LEU B 263 4.05 16.69 -21.06
C LEU B 263 3.98 15.15 -21.15
N LEU B 264 5.08 14.54 -21.57
CA LEU B 264 5.13 13.08 -21.68
C LEU B 264 4.94 12.36 -20.33
N CYS B 265 5.22 13.04 -19.23
CA CYS B 265 4.90 12.51 -17.92
C CYS B 265 3.39 12.38 -17.61
N TYR B 266 2.51 12.97 -18.43
CA TYR B 266 1.07 12.88 -18.24
C TYR B 266 0.34 12.15 -19.34
N MET B 267 1.04 11.57 -20.31
CA MET B 267 0.37 11.01 -21.49
C MET B 267 0.35 9.50 -21.60
N ASN B 268 0.82 8.79 -20.57
CA ASN B 268 1.16 7.35 -20.71
C ASN B 268 0.66 6.43 -19.59
N MET B 269 -0.19 6.94 -18.69
CA MET B 269 -0.49 6.29 -17.41
C MET B 269 -1.10 4.95 -17.64
N GLN B 270 -1.94 4.87 -18.66
CA GLN B 270 -2.67 3.63 -18.92
C GLN B 270 -1.74 2.48 -19.32
N THR B 271 -0.48 2.76 -19.68
CA THR B 271 0.43 1.69 -20.10
C THR B 271 1.14 1.06 -18.89
N PHE B 272 1.06 1.68 -17.71
CA PHE B 272 1.67 1.08 -16.51
C PHE B 272 0.87 1.19 -15.20
N ALA B 273 -0.15 2.04 -15.13
CA ALA B 273 -0.88 2.17 -13.87
C ALA B 273 -1.54 0.83 -13.39
N PRO B 274 -2.19 0.10 -14.31
CA PRO B 274 -2.87 -1.10 -13.87
C PRO B 274 -2.00 -2.06 -13.10
N PHE B 275 -0.77 -2.24 -13.54
CA PHE B 275 0.13 -3.19 -12.88
C PHE B 275 0.33 -2.83 -11.42
N LEU B 276 0.57 -1.56 -11.13
CA LEU B 276 0.75 -1.15 -9.75
C LEU B 276 -0.56 -1.25 -8.96
N ILE B 277 -1.63 -0.72 -9.54
CA ILE B 277 -2.97 -0.80 -8.92
C ILE B 277 -3.25 -2.20 -8.43
N SER B 278 -2.88 -3.21 -9.23
CA SER B 278 -3.21 -4.62 -8.94
C SER B 278 -2.33 -5.19 -7.84
N ASN B 279 -1.26 -4.49 -7.46
CA ASN B 279 -0.24 -5.01 -6.55
C ASN B 279 -0.04 -4.23 -5.23
N VAL B 280 -0.79 -3.15 -5.07
CA VAL B 280 -0.74 -2.39 -3.83
C VAL B 280 -1.15 -3.26 -2.65
N LYS B 281 -2.08 -4.18 -2.83
CA LYS B 281 -2.40 -5.17 -1.80
C LYS B 281 -1.21 -5.96 -1.22
N PHE B 282 -0.05 -5.97 -1.90
CA PHE B 282 1.16 -6.66 -1.40
C PHE B 282 2.11 -5.74 -0.67
N VAL B 283 1.77 -4.44 -0.53
CA VAL B 283 2.67 -3.50 0.17
C VAL B 283 2.32 -3.48 1.68
N ARG B 284 3.02 -4.31 2.44
CA ARG B 284 2.68 -4.48 3.85
C ARG B 284 3.22 -3.39 4.75
N LYS B 285 4.08 -2.53 4.22
CA LYS B 285 4.85 -1.65 5.06
C LYS B 285 3.95 -0.55 5.58
N ARG B 286 4.34 0.01 6.72
CA ARG B 286 3.74 1.24 7.20
C ARG B 286 3.80 2.30 6.10
N THR B 287 2.65 2.77 5.66
CA THR B 287 2.60 3.77 4.59
C THR B 287 1.88 5.04 5.08
N ILE B 288 2.58 6.16 5.08
CA ILE B 288 1.98 7.44 5.41
C ILE B 288 1.50 8.15 4.13
N HIS B 289 0.23 8.58 4.10
CA HIS B 289 -0.34 9.26 2.94
C HIS B 289 -0.65 10.73 3.30
N ILE B 290 0.19 11.69 2.87
CA ILE B 290 0.02 13.10 3.22
C ILE B 290 -0.68 13.79 2.07
N VAL B 291 -1.76 14.52 2.29
CA VAL B 291 -2.49 15.16 1.20
C VAL B 291 -2.87 16.59 1.53
N GLY B 292 -3.06 17.39 0.50
CA GLY B 292 -3.43 18.78 0.68
C GLY B 292 -4.94 18.94 0.69
N ALA B 293 -5.47 19.49 1.77
CA ALA B 293 -6.92 19.66 1.96
C ALA B 293 -7.62 20.27 0.74
N ARG B 294 -6.92 21.14 0.00
CA ARG B 294 -7.51 21.84 -1.15
C ARG B 294 -7.30 21.15 -2.48
N SER B 295 -6.62 20.01 -2.51
CA SER B 295 -6.26 19.33 -3.77
C SER B 295 -7.46 18.71 -4.50
N ASN B 296 -7.57 19.03 -5.80
CA ASN B 296 -8.52 18.40 -6.75
C ASN B 296 -7.78 17.66 -7.88
N TRP B 297 -6.46 17.54 -7.76
CA TRP B 297 -5.63 17.02 -8.86
C TRP B 297 -6.06 15.59 -9.18
N CSO B 298 -5.91 14.66 -8.25
CA CSO B 298 -6.56 13.34 -8.41
CB CSO B 298 -5.94 12.24 -7.53
SG CSO B 298 -4.19 12.16 -7.85
C CSO B 298 -8.06 13.41 -8.11
O CSO B 298 -8.52 14.30 -7.43
OD CSO B 298 -3.57 13.61 -6.96
N PRO B 299 -8.81 12.40 -8.60
CA PRO B 299 -10.14 12.17 -8.11
C PRO B 299 -10.21 11.49 -6.73
N PRO B 300 -11.42 11.44 -6.13
CA PRO B 300 -11.62 10.77 -4.83
C PRO B 300 -11.22 9.30 -4.83
N GLN B 301 -11.41 8.65 -5.97
CA GLN B 301 -11.10 7.22 -6.14
C GLN B 301 -9.63 6.86 -5.91
N ASN B 302 -8.74 7.80 -6.21
CA ASN B 302 -7.33 7.69 -5.98
C ASN B 302 -7.02 7.51 -4.50
N GLN B 303 -7.52 8.40 -3.66
CA GLN B 303 -7.26 8.33 -2.23
C GLN B 303 -8.04 7.18 -1.58
N LEU B 304 -9.32 7.02 -1.90
CA LEU B 304 -10.10 5.93 -1.33
C LEU B 304 -9.56 4.55 -1.68
N PHE B 305 -8.86 4.43 -2.79
CA PHE B 305 -8.28 3.14 -3.21
C PHE B 305 -7.11 2.76 -2.36
N LEU B 306 -6.21 3.71 -2.14
CA LEU B 306 -5.03 3.52 -1.30
C LEU B 306 -5.44 3.17 0.13
N GLN B 307 -6.44 3.89 0.65
CA GLN B 307 -7.07 3.62 1.96
C GLN B 307 -7.67 2.24 2.16
N LYS B 308 -8.41 1.68 1.21
CA LYS B 308 -8.95 0.32 1.39
C LYS B 308 -7.95 -0.81 1.13
N THR B 309 -6.84 -0.51 0.49
CA THR B 309 -5.98 -1.55 -0.05
C THR B 309 -4.66 -1.73 0.74
N LEU B 310 -4.07 -0.64 1.22
CA LEU B 310 -2.89 -0.72 2.05
C LEU B 310 -3.20 -1.18 3.49
N GLN B 311 -2.72 -2.36 3.89
CA GLN B 311 -3.01 -2.96 5.22
C GLN B 311 -2.68 -2.01 6.37
N ASN B 312 -1.61 -1.23 6.24
CA ASN B 312 -1.06 -0.46 7.37
C ASN B 312 -0.91 1.01 6.99
N TYR B 313 -1.99 1.77 7.16
CA TYR B 313 -2.21 3.05 6.50
C TYR B 313 -2.43 4.18 7.50
N HIS B 314 -1.93 5.37 7.21
CA HIS B 314 -2.24 6.53 8.03
C HIS B 314 -2.36 7.76 7.17
N LEU B 315 -3.46 8.51 7.29
CA LEU B 315 -3.70 9.72 6.47
C LEU B 315 -3.44 11.01 7.28
N ASP B 316 -2.65 11.94 6.73
CA ASP B 316 -2.49 13.27 7.28
C ASP B 316 -2.98 14.27 6.25
N VAL B 317 -3.92 15.13 6.61
CA VAL B 317 -4.39 16.20 5.73
C VAL B 317 -3.68 17.50 6.17
N ILE B 318 -2.97 18.16 5.26
CA ILE B 318 -2.34 19.45 5.59
C ILE B 318 -3.36 20.58 5.34
N PRO B 319 -3.91 21.20 6.40
CA PRO B 319 -4.93 22.23 6.15
C PRO B 319 -4.41 23.35 5.25
N GLY B 320 -5.19 23.73 4.24
CA GLY B 320 -4.80 24.80 3.30
C GLY B 320 -4.07 24.33 2.06
N GLY B 321 -3.56 23.10 2.12
CA GLY B 321 -2.62 22.59 1.11
C GLY B 321 -3.17 22.18 -0.25
N SER B 322 -2.39 22.44 -1.30
CA SER B 322 -2.72 22.07 -2.67
C SER B 322 -2.00 20.78 -3.04
N HIS B 323 -2.06 20.39 -4.31
CA HIS B 323 -1.31 19.24 -4.82
C HIS B 323 0.22 19.44 -4.73
N LEU B 324 0.70 20.67 -4.86
CA LEU B 324 2.12 20.97 -4.66
C LEU B 324 2.39 21.39 -3.20
N VAL B 325 1.72 20.71 -2.27
CA VAL B 325 1.89 20.98 -0.84
C VAL B 325 3.31 20.76 -0.34
N ASN B 326 4.09 19.97 -1.07
CA ASN B 326 5.49 19.72 -0.72
C ASN B 326 6.40 20.91 -0.94
N VAL B 327 6.17 21.70 -1.98
CA VAL B 327 6.93 22.95 -2.24
C VAL B 327 6.23 24.25 -1.76
N GLU B 328 4.93 24.20 -1.48
CA GLU B 328 4.20 25.42 -1.11
C GLU B 328 4.12 25.64 0.40
N ALA B 329 4.12 24.53 1.15
CA ALA B 329 4.09 24.51 2.61
C ALA B 329 5.05 23.43 3.14
N PRO B 330 6.37 23.59 2.92
CA PRO B 330 7.26 22.51 3.32
C PRO B 330 7.37 22.31 4.82
N ASP B 331 7.39 23.40 5.58
CA ASP B 331 7.48 23.37 7.04
C ASP B 331 6.45 22.41 7.62
N LEU B 332 5.19 22.54 7.17
CA LEU B 332 4.13 21.63 7.63
C LEU B 332 4.38 20.16 7.25
N VAL B 333 4.82 19.92 6.02
CA VAL B 333 5.12 18.56 5.61
C VAL B 333 6.32 17.95 6.38
N ILE B 334 7.38 18.72 6.58
CA ILE B 334 8.52 18.32 7.39
C ILE B 334 8.14 17.89 8.84
N GLU B 335 7.30 18.67 9.50
CA GLU B 335 6.77 18.28 10.83
C GLU B 335 6.15 16.86 10.84
N ARG B 336 5.44 16.52 9.77
CA ARG B 336 4.80 15.23 9.65
C ARG B 336 5.85 14.16 9.33
N ILE B 337 6.79 14.47 8.44
CA ILE B 337 7.85 13.49 8.13
C ILE B 337 8.59 13.17 9.42
N ASN B 338 8.96 14.22 10.16
CA ASN B 338 9.70 14.03 11.42
C ASN B 338 8.90 13.25 12.45
N HIS B 339 7.59 13.48 12.50
CA HIS B 339 6.72 12.82 13.44
C HIS B 339 6.60 11.30 13.21
N HIS B 340 6.38 10.91 11.95
CA HIS B 340 6.24 9.50 11.60
C HIS B 340 7.55 8.72 11.61
N ILE B 341 8.64 9.33 11.15
CA ILE B 341 9.94 8.69 11.28
C ILE B 341 10.18 8.41 12.75
N HIS B 342 9.82 9.38 13.61
CA HIS B 342 10.11 9.30 15.04
C HIS B 342 9.27 8.23 15.73
N GLU B 343 7.97 8.19 15.45
CA GLU B 343 7.15 7.12 16.01
C GLU B 343 7.62 5.76 15.46
N PHE B 344 7.97 5.71 14.18
CA PHE B 344 8.40 4.45 13.55
C PHE B 344 9.60 3.85 14.26
N VAL B 345 10.61 4.68 14.50
CA VAL B 345 11.88 4.18 15.03
C VAL B 345 11.71 3.58 16.43
N LEU B 346 10.70 4.04 17.17
CA LEU B 346 10.45 3.56 18.54
C LEU B 346 9.88 2.16 18.57
N THR B 347 8.76 1.97 17.88
CA THR B 347 8.06 0.67 17.77
C THR B 347 8.95 -0.39 17.12
N SER B 348 10.04 0.04 16.48
CA SER B 348 10.88 -0.86 15.68
C SER B 348 11.68 -1.83 16.53
N PRO B 349 11.69 -3.13 16.12
CA PRO B 349 12.52 -4.16 16.76
C PRO B 349 14.03 -3.86 16.77
N LEU B 350 14.76 -4.53 17.64
CA LEU B 350 16.21 -4.45 17.69
C LEU B 350 16.77 -5.56 16.79
N GLN B 351 17.81 -5.37 15.96
CA GLN B 351 18.80 -4.25 15.85
C GLN B 351 20.18 -4.76 16.28
N SER B 352 20.62 -5.85 15.64
CA SER B 352 21.73 -6.69 16.14
C SER B 352 23.09 -5.97 16.30
N SER B 353 23.44 -5.15 15.33
CA SER B 353 24.62 -4.24 15.40
C SER B 353 26.07 -4.81 15.31
N HIS B 354 26.38 -6.03 15.75
CA HIS B 354 27.79 -6.52 15.65
C HIS B 354 28.03 -7.40 14.40
N ILE B 355 29.23 -7.31 13.82
CA ILE B 355 29.65 -8.29 12.80
C ILE B 355 30.25 -9.51 13.55
N PRO B 356 29.80 -10.73 13.21
CA PRO B 356 30.04 -11.85 14.12
C PRO B 356 31.06 -12.86 13.58
N GLN B 357 32.33 -12.75 13.98
CA GLN B 357 33.34 -13.70 13.49
C GLN B 357 32.86 -15.13 13.79
N LEU B 358 32.27 -15.80 12.79
CA LEU B 358 31.78 -17.17 12.97
C LEU B 358 32.53 -18.14 12.04
N THR B 359 32.95 -19.27 12.57
CA THR B 359 33.67 -20.28 11.78
C THR B 359 32.67 -21.14 11.03
N LEU B 360 33.13 -21.80 9.97
CA LEU B 360 32.26 -22.71 9.22
C LEU B 360 31.57 -23.70 10.13
N GLU B 361 32.28 -24.16 11.16
CA GLU B 361 31.80 -25.19 12.06
C GLU B 361 30.73 -24.60 12.99
N GLU B 362 30.99 -23.39 13.50
CA GLU B 362 29.99 -22.68 14.29
C GLU B 362 28.68 -22.44 13.47
N ARG B 363 28.86 -22.12 12.20
CA ARG B 363 27.76 -21.85 11.28
C ARG B 363 26.94 -23.09 10.96
N ALA B 364 27.57 -24.26 10.86
CA ALA B 364 26.83 -25.51 10.54
C ALA B 364 26.00 -25.93 11.71
N VAL B 365 26.46 -25.58 12.92
CA VAL B 365 25.72 -25.90 14.13
C VAL B 365 24.49 -24.97 14.18
N MET B 366 24.71 -23.69 13.92
CA MET B 366 23.65 -22.69 14.02
C MET B 366 22.57 -23.05 13.03
N PHE B 367 23.00 -23.44 11.85
CA PHE B 367 22.06 -23.75 10.78
C PHE B 367 21.16 -24.95 11.09
N ASP B 368 21.77 -26.07 11.54
CA ASP B 368 21.03 -27.30 11.81
C ASP B 368 19.95 -27.03 12.83
N ARG B 369 20.31 -26.22 13.81
CA ARG B 369 19.38 -25.76 14.82
C ARG B 369 18.27 -24.87 14.17
N ALA B 370 18.65 -23.96 13.28
CA ALA B 370 17.68 -23.11 12.57
C ALA B 370 16.73 -23.96 11.74
N PHE B 371 17.27 -24.94 11.02
CA PHE B 371 16.48 -25.84 10.18
C PHE B 371 15.50 -26.66 10.94
N ASP B 372 15.91 -27.18 12.10
CA ASP B 372 15.03 -27.93 12.97
C ASP B 372 13.86 -27.13 13.50
N SER B 373 14.09 -25.91 13.98
CA SER B 373 12.97 -25.05 14.38
C SER B 373 12.02 -24.79 13.23
N PHE B 374 12.58 -24.53 12.05
CA PHE B 374 11.76 -24.30 10.85
C PHE B 374 10.97 -25.56 10.41
N LYS B 375 11.60 -26.72 10.49
CA LYS B 375 10.90 -27.95 10.23
C LYS B 375 9.68 -28.14 11.14
N ASN B 376 9.82 -27.87 12.43
CA ASN B 376 8.70 -28.08 13.37
C ASN B 376 7.53 -27.13 13.10
N GLU B 377 7.82 -25.87 12.74
CA GLU B 377 6.79 -24.90 12.37
C GLU B 377 6.08 -25.34 11.09
N ALA B 378 6.84 -25.87 10.14
CA ALA B 378 6.34 -26.14 8.77
C ALA B 378 5.62 -27.49 8.63
N LEU B 379 5.96 -28.46 9.50
CA LEU B 379 5.38 -29.82 9.43
C LEU B 379 3.89 -29.87 9.77
N VAL B 380 3.11 -30.53 8.93
CA VAL B 380 1.69 -30.76 9.19
C VAL B 380 1.38 -32.26 9.32
N LYS B 381 1.22 -32.71 10.56
CA LYS B 381 1.08 -34.15 10.86
C LYS B 381 -0.32 -34.67 10.54
N GLN C 3 -21.72 -5.05 34.25
CA GLN C 3 -21.00 -3.73 34.26
C GLN C 3 -20.94 -3.19 35.69
N ASN C 4 -19.75 -3.07 36.27
CA ASN C 4 -19.59 -2.63 37.66
C ASN C 4 -18.95 -1.28 37.86
N ARG C 5 -18.85 -0.48 36.80
CA ARG C 5 -18.01 0.70 36.87
C ARG C 5 -18.81 2.00 37.09
N PHE C 6 -20.05 2.04 36.61
CA PHE C 6 -20.91 3.21 36.77
C PHE C 6 -22.26 2.83 37.40
N LYS C 7 -22.84 3.73 38.18
CA LYS C 7 -24.20 3.61 38.61
C LYS C 7 -25.07 3.84 37.39
N LYS C 8 -26.07 2.98 37.17
CA LYS C 8 -26.98 3.15 36.05
C LYS C 8 -28.34 3.71 36.45
N GLU C 9 -28.74 4.82 35.85
CA GLU C 9 -30.07 5.34 36.05
C GLU C 9 -30.76 5.66 34.72
N THR C 10 -32.03 5.26 34.61
CA THR C 10 -32.81 5.47 33.42
C THR C 10 -33.73 6.62 33.69
N LYS C 11 -33.76 7.60 32.81
CA LYS C 11 -34.58 8.79 32.98
C LYS C 11 -35.38 9.03 31.73
N THR C 12 -36.43 9.85 31.88
CA THR C 12 -37.37 10.15 30.81
C THR C 12 -37.81 11.59 30.85
N CME C 13 -37.79 12.28 29.71
CA CME C 13 -38.25 13.68 29.66
CB CME C 13 -37.09 14.65 29.81
SG CME C 13 -36.11 14.26 28.43
SD CME C 13 -35.10 15.99 28.31
CE CME C 13 -34.26 16.03 29.91
CZ CME C 13 -34.88 17.03 30.90
OH CME C 13 -35.13 18.24 30.16
C CME C 13 -39.04 13.99 28.40
O CME C 13 -39.18 13.15 27.51
N SER C 14 -39.62 15.18 28.34
CA SER C 14 -40.35 15.55 27.15
C SER C 14 -39.36 15.92 26.06
N ALA C 15 -39.73 15.62 24.83
CA ALA C 15 -38.92 15.85 23.63
C ALA C 15 -38.95 17.32 23.21
N SER C 16 -37.98 17.73 22.41
CA SER C 16 -37.91 19.13 21.97
C SER C 16 -39.13 19.48 21.15
N TRP C 17 -39.53 20.72 21.27
CA TRP C 17 -40.68 21.26 20.58
C TRP C 17 -40.33 22.71 20.16
N PRO C 18 -40.85 23.19 19.05
CA PRO C 18 -41.66 22.53 18.07
C PRO C 18 -40.82 21.55 17.27
N ARG C 19 -41.46 20.88 16.30
CA ARG C 19 -40.79 19.93 15.40
C ARG C 19 -41.27 20.07 13.94
N ALA C 20 -40.67 19.30 13.04
CA ALA C 20 -41.09 19.28 11.64
C ALA C 20 -42.58 18.93 11.49
N PRO C 21 -43.25 19.43 10.44
CA PRO C 21 -44.66 19.06 10.28
C PRO C 21 -44.79 17.57 10.05
N GLN C 22 -45.82 16.99 10.66
CA GLN C 22 -46.04 15.53 10.66
C GLN C 22 -44.93 14.68 11.30
N SER C 23 -44.20 15.24 12.27
CA SER C 23 -43.39 14.45 13.19
C SER C 23 -44.28 13.56 14.00
N THR C 24 -45.46 14.06 14.34
CA THR C 24 -46.41 13.29 15.13
C THR C 24 -47.64 13.08 14.31
N LEU C 25 -48.42 12.10 14.71
CA LEU C 25 -49.63 11.73 14.00
C LEU C 25 -50.65 12.86 14.08
N CSO C 26 -50.81 13.44 15.28
CA CSO C 26 -51.61 14.67 15.44
CB CSO C 26 -52.80 14.46 16.37
SG CSO C 26 -53.78 13.06 15.85
C CSO C 26 -50.80 15.85 15.95
O CSO C 26 -49.79 15.66 16.62
OD CSO C 26 -55.18 13.61 14.88
N ALA C 27 -51.24 17.06 15.64
CA ALA C 27 -50.48 18.27 16.01
C ALA C 27 -50.42 18.43 17.50
N THR C 28 -51.51 18.12 18.20
CA THR C 28 -51.56 18.21 19.68
C THR C 28 -50.77 17.14 20.50
N ASP C 29 -50.25 16.11 19.81
CA ASP C 29 -49.41 15.11 20.42
C ASP C 29 -48.07 15.69 20.81
N ARG C 30 -47.44 15.09 21.83
CA ARG C 30 -46.15 15.48 22.34
C ARG C 30 -45.26 14.25 22.55
N LEU C 31 -44.05 14.29 22.03
CA LEU C 31 -43.17 13.13 22.07
C LEU C 31 -42.27 13.17 23.29
N GLU C 32 -41.71 12.00 23.61
CA GLU C 32 -40.89 11.81 24.81
C GLU C 32 -39.63 11.08 24.48
N LEU C 33 -38.61 11.28 25.30
CA LEU C 33 -37.34 10.65 25.11
C LEU C 33 -36.98 9.89 26.36
N THR C 34 -36.49 8.67 26.22
CA THR C 34 -35.91 7.91 27.34
C THR C 34 -34.42 7.74 27.08
N TYR C 35 -33.62 7.95 28.12
CA TYR C 35 -32.16 7.77 28.03
C TYR C 35 -31.58 7.16 29.31
N ASP C 36 -30.38 6.59 29.21
CA ASP C 36 -29.69 6.00 30.35
C ASP C 36 -28.46 6.84 30.72
N VAL C 37 -28.31 7.22 31.99
CA VAL C 37 -27.17 8.01 32.45
C VAL C 37 -26.28 7.12 33.30
N TYR C 38 -25.01 7.01 32.94
CA TYR C 38 -24.04 6.26 33.74
C TYR C 38 -23.13 7.22 34.50
N THR C 39 -23.15 7.18 35.81
CA THR C 39 -22.39 8.12 36.60
C THR C 39 -21.24 7.45 37.30
N SER C 40 -20.13 8.15 37.38
CA SER C 40 -18.95 7.67 38.05
C SER C 40 -19.13 7.44 39.52
N ALA C 41 -18.42 6.43 40.01
CA ALA C 41 -18.43 6.02 41.40
C ALA C 41 -17.08 6.36 42.02
N GLU C 42 -16.37 7.35 41.48
CA GLU C 42 -14.95 7.63 41.85
C GLU C 42 -14.61 9.13 42.12
N ARG C 43 -15.64 9.97 42.30
CA ARG C 43 -15.42 11.41 42.49
C ARG C 43 -14.64 11.74 43.79
N GLN C 44 -14.18 10.73 44.53
CA GLN C 44 -13.34 10.95 45.72
C GLN C 44 -11.86 10.92 45.33
N ARG C 45 -11.58 10.50 44.09
CA ARG C 45 -10.21 10.51 43.53
C ARG C 45 -9.97 11.76 42.67
N ARG C 46 -11.02 12.54 42.43
CA ARG C 46 -10.86 13.85 41.81
C ARG C 46 -9.69 14.57 42.49
N SER C 47 -8.72 15.03 41.72
CA SER C 47 -7.64 15.86 42.24
C SER C 47 -8.00 17.35 42.25
N ARG C 48 -7.09 18.18 42.78
CA ARG C 48 -7.29 19.63 42.74
C ARG C 48 -7.45 20.20 41.30
N THR C 49 -7.10 19.42 40.28
CA THR C 49 -7.25 19.83 38.88
C THR C 49 -7.73 18.63 38.04
N ALA C 50 -8.87 18.08 38.44
CA ALA C 50 -9.41 16.90 37.84
C ALA C 50 -10.39 17.35 36.77
N THR C 51 -10.13 16.92 35.51
CA THR C 51 -11.05 17.17 34.43
C THR C 51 -12.06 16.04 34.41
N ARG C 52 -13.33 16.41 34.32
CA ARG C 52 -14.41 15.47 34.18
C ARG C 52 -14.55 15.25 32.69
N LEU C 53 -14.50 14.00 32.23
CA LEU C 53 -14.89 13.67 30.87
C LEU C 53 -16.33 13.19 30.85
N ASN C 54 -17.15 13.72 29.95
CA ASN C 54 -18.54 13.35 29.78
C ASN C 54 -18.69 12.92 28.35
N LEU C 55 -19.26 11.73 28.13
CA LEU C 55 -19.38 11.11 26.81
C LEU C 55 -20.83 10.95 26.42
N VAL C 56 -21.19 11.34 25.20
CA VAL C 56 -22.56 11.19 24.69
C VAL C 56 -22.52 10.32 23.42
N PHE C 57 -23.19 9.17 23.45
CA PHE C 57 -23.20 8.20 22.36
C PHE C 57 -24.54 8.23 21.64
N LEU C 58 -24.48 8.35 20.32
CA LEU C 58 -25.68 8.46 19.49
C LEU C 58 -25.70 7.31 18.49
N HIS C 59 -26.64 6.40 18.69
CA HIS C 59 -26.83 5.24 17.81
C HIS C 59 -27.18 5.58 16.38
N GLY C 60 -26.96 4.61 15.49
CA GLY C 60 -27.32 4.72 14.08
C GLY C 60 -28.77 4.38 13.76
N SER C 61 -29.12 4.44 12.48
CA SER C 61 -30.49 4.22 12.02
C SER C 61 -30.93 2.80 12.27
N GLY C 62 -32.05 2.65 12.94
CA GLY C 62 -32.65 1.34 13.14
C GLY C 62 -32.09 0.59 14.33
N MET C 63 -31.16 1.20 15.07
CA MET C 63 -30.56 0.55 16.23
C MET C 63 -31.14 1.13 17.52
N SER C 64 -30.36 1.21 18.58
CA SER C 64 -30.79 1.78 19.87
C SER C 64 -29.58 2.05 20.74
N LYS C 65 -29.82 2.75 21.85
CA LYS C 65 -28.79 2.97 22.87
C LYS C 65 -28.03 1.70 23.29
N VAL C 66 -28.61 0.51 23.16
CA VAL C 66 -28.03 -0.72 23.69
C VAL C 66 -26.74 -1.13 23.01
N VAL C 67 -26.56 -0.77 21.75
CA VAL C 67 -25.33 -1.14 21.00
C VAL C 67 -24.06 -0.65 21.66
N TRP C 68 -24.17 0.37 22.53
CA TRP C 68 -23.03 0.97 23.22
C TRP C 68 -22.75 0.38 24.60
N GLU C 69 -23.58 -0.54 25.09
CA GLU C 69 -23.40 -1.09 26.45
C GLU C 69 -22.07 -1.80 26.57
N TYR C 70 -21.71 -2.57 25.54
CA TYR C 70 -20.43 -3.28 25.49
C TYR C 70 -19.24 -2.31 25.71
N TYR C 71 -19.39 -1.05 25.32
CA TYR C 71 -18.27 -0.10 25.35
C TYR C 71 -17.93 0.30 26.80
N LEU C 72 -18.92 0.27 27.69
CA LEU C 72 -18.78 0.95 28.98
C LEU C 72 -17.60 0.48 29.82
N PRO C 73 -17.39 -0.84 29.95
CA PRO C 73 -16.26 -1.29 30.76
C PRO C 73 -14.87 -1.00 30.16
N ARG C 74 -14.83 -0.76 28.85
CA ARG C 74 -13.61 -0.72 28.07
C ARG C 74 -13.18 0.69 27.71
N LEU C 75 -13.97 1.67 28.08
CA LEU C 75 -13.62 3.06 27.78
C LEU C 75 -12.47 3.61 28.63
N VAL C 76 -11.92 4.71 28.17
CA VAL C 76 -10.67 5.26 28.73
C VAL C 76 -10.52 5.12 30.25
N ALA C 77 -9.39 4.54 30.68
CA ALA C 77 -9.04 4.41 32.12
C ALA C 77 -8.73 5.77 32.72
N ALA C 78 -9.10 5.96 33.97
CA ALA C 78 -8.86 7.20 34.74
C ALA C 78 -7.36 7.43 34.92
N ASP C 79 -6.98 8.70 35.02
CA ASP C 79 -5.61 9.10 35.35
C ASP C 79 -5.28 8.54 36.73
N ALA C 80 -4.14 7.88 36.86
CA ALA C 80 -3.75 7.31 38.16
C ALA C 80 -3.82 8.37 39.29
N GLU C 81 -3.36 9.59 39.00
CA GLU C 81 -3.25 10.67 40.00
C GLU C 81 -4.53 11.55 40.13
N GLY C 82 -5.48 11.42 39.20
CA GLY C 82 -6.81 12.00 39.36
C GLY C 82 -7.16 13.22 38.51
N ASN C 83 -6.28 13.56 37.56
CA ASN C 83 -6.46 14.76 36.71
C ASN C 83 -7.56 14.56 35.68
N TYR C 84 -7.87 13.32 35.35
CA TYR C 84 -9.06 13.04 34.55
C TYR C 84 -9.67 11.65 34.81
N ALA C 85 -10.91 11.55 34.35
CA ALA C 85 -11.76 10.39 34.66
C ALA C 85 -13.11 10.61 34.02
N ILE C 86 -13.72 9.52 33.53
CA ILE C 86 -15.06 9.60 32.99
C ILE C 86 -15.99 9.86 34.16
N ASP C 87 -16.83 10.86 34.02
CA ASP C 87 -17.76 11.24 35.05
C ASP C 87 -19.20 10.84 34.67
N LYS C 88 -19.65 11.21 33.46
CA LYS C 88 -20.96 10.72 32.95
C LYS C 88 -20.85 10.14 31.57
N VAL C 89 -21.68 9.17 31.28
CA VAL C 89 -21.86 8.71 29.93
C VAL C 89 -23.35 8.72 29.69
N LEU C 90 -23.81 9.33 28.60
CA LEU C 90 -25.26 9.34 28.25
C LEU C 90 -25.50 8.43 27.06
N LEU C 91 -26.37 7.45 27.19
CA LEU C 91 -26.75 6.64 26.04
C LEU C 91 -28.21 6.94 25.69
N ILE C 92 -28.45 7.56 24.53
CA ILE C 92 -29.78 8.14 24.17
C ILE C 92 -30.47 7.31 23.08
N ASP C 93 -31.80 7.19 23.18
CA ASP C 93 -32.64 6.59 22.16
C ASP C 93 -33.46 7.68 21.52
N GLN C 94 -33.35 7.83 20.21
CA GLN C 94 -34.13 8.84 19.45
C GLN C 94 -35.60 8.53 19.56
N VAL C 95 -36.43 9.53 19.30
CA VAL C 95 -37.86 9.40 19.56
C VAL C 95 -38.50 8.11 19.03
N ASN C 96 -37.98 7.64 17.89
CA ASN C 96 -38.61 6.55 17.16
C ASN C 96 -37.83 5.24 17.21
N HIS C 97 -36.88 5.13 18.11
CA HIS C 97 -36.10 3.90 18.29
C HIS C 97 -36.28 3.43 19.75
N GLY C 98 -35.94 2.16 20.00
CA GLY C 98 -35.78 1.66 21.36
C GLY C 98 -36.90 1.99 22.34
N ASP C 99 -36.49 2.38 23.55
CA ASP C 99 -37.44 2.63 24.63
C ASP C 99 -38.25 3.93 24.44
N SER C 100 -37.69 4.87 23.69
CA SER C 100 -38.43 6.06 23.27
C SER C 100 -39.58 5.61 22.34
N ALA C 101 -39.27 4.65 21.47
CA ALA C 101 -40.26 4.18 20.51
C ALA C 101 -41.47 3.63 21.21
N VAL C 102 -41.20 2.88 22.28
CA VAL C 102 -42.24 2.25 23.11
C VAL C 102 -43.05 3.26 23.93
N ARG C 103 -42.41 4.31 24.47
CA ARG C 103 -43.14 5.41 25.10
C ARG C 103 -44.02 6.09 24.10
N ASN C 104 -43.49 6.29 22.90
CA ASN C 104 -44.16 7.14 21.91
C ASN C 104 -45.21 6.38 21.08
N ARG C 105 -45.45 5.09 21.35
CA ARG C 105 -46.35 4.31 20.49
C ARG C 105 -47.70 4.95 20.27
N GLY C 106 -48.09 5.09 19.02
CA GLY C 106 -49.32 5.76 18.62
C GLY C 106 -49.13 7.20 18.21
N ARG C 107 -48.04 7.85 18.63
CA ARG C 107 -47.86 9.28 18.41
C ARG C 107 -46.94 9.66 17.29
N LEU C 108 -46.05 8.79 16.82
CA LEU C 108 -45.10 9.17 15.75
C LEU C 108 -45.82 9.35 14.43
N GLY C 109 -45.30 10.28 13.63
CA GLY C 109 -45.76 10.53 12.27
C GLY C 109 -44.80 10.02 11.20
N THR C 110 -44.93 10.57 10.01
CA THR C 110 -44.11 10.10 8.89
C THR C 110 -42.82 10.92 8.68
N ASN C 111 -42.74 12.12 9.28
CA ASN C 111 -41.63 13.06 9.08
C ASN C 111 -40.61 13.06 10.25
N PHE C 112 -39.70 12.11 10.24
CA PHE C 112 -38.59 12.09 11.18
C PHE C 112 -37.41 12.86 10.56
N ASN C 113 -37.16 14.05 11.10
CA ASN C 113 -36.12 14.94 10.64
C ASN C 113 -34.95 14.78 11.55
N TRP C 114 -33.78 14.49 11.02
CA TRP C 114 -32.59 14.24 11.87
C TRP C 114 -32.19 15.47 12.74
N ILE C 115 -32.43 16.69 12.24
CA ILE C 115 -32.01 17.87 12.99
C ILE C 115 -32.88 17.99 14.24
N ASP C 116 -34.18 17.68 14.11
CA ASP C 116 -35.06 17.57 15.27
C ASP C 116 -34.44 16.66 16.29
N GLY C 117 -33.97 15.51 15.84
CA GLY C 117 -33.26 14.57 16.71
C GLY C 117 -32.02 15.13 17.41
N ALA C 118 -31.25 15.95 16.71
CA ALA C 118 -30.16 16.70 17.30
C ALA C 118 -30.67 17.66 18.37
N ARG C 119 -31.81 18.32 18.16
CA ARG C 119 -32.34 19.21 19.21
C ARG C 119 -32.71 18.43 20.52
N ASP C 120 -33.06 17.15 20.35
CA ASP C 120 -33.41 16.23 21.42
C ASP C 120 -32.16 15.94 22.27
N VAL C 121 -31.07 15.56 21.58
CA VAL C 121 -29.74 15.34 22.19
C VAL C 121 -29.22 16.57 22.92
N LEU C 122 -29.38 17.75 22.37
CA LEU C 122 -28.95 18.96 23.05
C LEU C 122 -29.77 19.19 24.29
N LYS C 123 -31.09 18.97 24.20
CA LYS C 123 -32.01 19.15 25.32
C LYS C 123 -31.62 18.28 26.52
N ILE C 124 -31.34 17.00 26.27
CA ILE C 124 -30.84 16.09 27.29
C ILE C 124 -29.44 16.46 27.75
N ALA C 125 -28.52 16.62 26.82
CA ALA C 125 -27.11 16.86 27.17
C ALA C 125 -26.92 18.18 27.93
N THR C 126 -27.66 19.18 27.51
CA THR C 126 -27.57 20.51 28.06
C THR C 126 -27.93 20.48 29.52
N CSO C 127 -28.95 19.70 29.83
CA CSO C 127 -29.46 19.61 31.16
CB CSO C 127 -30.87 19.05 31.14
SG CSO C 127 -31.35 18.78 32.85
C CSO C 127 -28.54 18.72 31.97
O CSO C 127 -28.16 19.06 33.04
OD CSO C 127 -31.94 17.08 33.05
N GLU C 128 -28.17 17.58 31.44
CA GLU C 128 -27.38 16.60 32.18
C GLU C 128 -25.97 17.03 32.49
N LEU C 129 -25.38 17.83 31.61
CA LEU C 129 -24.00 18.26 31.78
C LEU C 129 -23.91 19.70 32.29
N GLY C 130 -25.02 20.33 32.67
CA GLY C 130 -25.05 21.76 32.97
C GLY C 130 -24.78 22.19 34.39
N SER C 131 -24.63 21.21 35.26
CA SER C 131 -24.52 21.42 36.68
C SER C 131 -23.14 22.02 37.01
N ILE C 132 -23.12 23.03 37.87
CA ILE C 132 -21.87 23.60 38.37
C ILE C 132 -20.89 22.48 38.73
N ASP C 133 -21.37 21.36 39.29
CA ASP C 133 -20.50 20.19 39.62
C ASP C 133 -19.66 19.72 38.45
N SER C 134 -20.30 19.58 37.30
CA SER C 134 -19.60 19.04 36.15
C SER C 134 -18.32 19.85 35.79
N HIS C 135 -18.15 21.05 36.33
CA HIS C 135 -17.01 21.87 35.96
C HIS C 135 -15.77 21.42 36.76
N PRO C 136 -14.59 21.36 36.12
CA PRO C 136 -14.24 21.67 34.73
C PRO C 136 -14.37 20.45 33.84
N ALA C 137 -15.06 20.62 32.71
CA ALA C 137 -15.54 19.49 31.91
C ALA C 137 -14.96 19.47 30.51
N LEU C 138 -14.69 18.28 30.00
CA LEU C 138 -14.46 18.12 28.57
C LEU C 138 -15.50 17.15 28.08
N ASN C 139 -16.31 17.61 27.13
CA ASN C 139 -17.46 16.87 26.66
C ASN C 139 -17.21 16.26 25.26
N VAL C 140 -17.54 14.98 25.10
CA VAL C 140 -17.27 14.30 23.87
C VAL C 140 -18.51 13.68 23.30
N VAL C 141 -18.80 13.93 22.01
CA VAL C 141 -19.95 13.30 21.33
C VAL C 141 -19.44 12.27 20.32
N ILE C 142 -19.93 11.04 20.47
CA ILE C 142 -19.60 9.92 19.56
C ILE C 142 -20.86 9.51 18.86
N GLY C 143 -20.88 9.56 17.54
CA GLY C 143 -22.09 9.17 16.79
C GLY C 143 -21.83 8.21 15.65
N HIS C 144 -22.72 7.25 15.41
CA HIS C 144 -22.63 6.35 14.25
C HIS C 144 -23.71 6.62 13.20
N SER C 145 -23.35 6.57 11.91
CA SER C 145 -24.33 6.72 10.81
C SER C 145 -25.23 7.94 11.09
N MET C 146 -26.54 7.75 11.22
CA MET C 146 -27.44 8.85 11.54
C MET C 146 -26.93 9.68 12.70
N GLY C 147 -26.34 9.02 13.70
CA GLY C 147 -25.81 9.68 14.88
C GLY C 147 -24.58 10.50 14.62
N GLY C 148 -23.82 10.17 13.59
CA GLY C 148 -22.66 10.98 13.18
C GLY C 148 -23.11 12.31 12.58
N PHE C 149 -24.10 12.28 11.70
CA PHE C 149 -24.80 13.46 11.25
C PHE C 149 -25.27 14.34 12.42
N GLN C 150 -25.97 13.75 13.39
CA GLN C 150 -26.49 14.50 14.53
C GLN C 150 -25.42 15.08 15.46
N ALA C 151 -24.27 14.43 15.58
CA ALA C 151 -23.17 15.03 16.32
C ALA C 151 -22.74 16.37 15.69
N LEU C 152 -22.60 16.40 14.38
CA LEU C 152 -22.30 17.62 13.65
C LEU C 152 -23.39 18.72 13.76
N ALA C 153 -24.67 18.32 13.65
CA ALA C 153 -25.79 19.23 13.81
C ALA C 153 -25.87 19.81 15.24
N CYS C 154 -25.50 19.03 16.25
CA CYS C 154 -25.47 19.53 17.63
C CYS C 154 -24.53 20.71 17.74
N ASP C 155 -23.32 20.58 17.19
CA ASP C 155 -22.34 21.65 17.24
C ASP C 155 -22.83 22.85 16.47
N VAL C 156 -23.44 22.63 15.31
CA VAL C 156 -23.96 23.74 14.51
C VAL C 156 -24.99 24.57 15.27
N LEU C 157 -25.94 23.92 15.93
CA LEU C 157 -26.98 24.59 16.65
C LEU C 157 -26.57 25.10 18.08
N GLN C 158 -25.46 24.58 18.58
CA GLN C 158 -24.93 24.86 19.94
C GLN C 158 -23.40 24.58 19.97
N PRO C 159 -22.61 25.52 19.46
CA PRO C 159 -21.19 25.32 19.33
C PRO C 159 -20.39 25.47 20.61
N ASN C 160 -21.03 25.48 21.79
CA ASN C 160 -20.31 25.61 23.07
C ASN C 160 -20.42 24.42 24.04
N LEU C 161 -20.91 23.28 23.56
CA LEU C 161 -21.09 22.12 24.39
C LEU C 161 -19.98 21.10 24.22
N PHE C 162 -19.79 20.61 23.00
CA PHE C 162 -18.87 19.53 22.75
C PHE C 162 -17.46 20.01 22.31
N HIS C 163 -16.44 19.46 22.96
CA HIS C 163 -15.07 19.88 22.73
C HIS C 163 -14.47 18.99 21.66
N LEU C 164 -15.05 17.81 21.47
CA LEU C 164 -14.45 16.79 20.62
C LEU C 164 -15.57 15.95 20.04
N LEU C 165 -15.56 15.76 18.71
CA LEU C 165 -16.56 15.01 17.95
C LEU C 165 -15.91 13.73 17.41
N ILE C 166 -16.53 12.58 17.63
CA ILE C 166 -16.06 11.33 17.02
C ILE C 166 -17.19 10.74 16.15
N LEU C 167 -16.94 10.73 14.84
CA LEU C 167 -17.89 10.30 13.84
C LEU C 167 -17.50 8.91 13.31
N ILE C 168 -18.36 7.90 13.51
CA ILE C 168 -18.10 6.55 13.03
C ILE C 168 -19.02 6.29 11.86
N GLU C 169 -18.47 6.25 10.66
CA GLU C 169 -19.29 6.09 9.47
C GLU C 169 -20.48 7.07 9.41
N PRO C 170 -20.27 8.35 9.61
CA PRO C 170 -21.30 9.36 9.42
C PRO C 170 -22.00 9.35 8.03
N VAL C 171 -23.31 9.44 8.00
CA VAL C 171 -24.05 9.53 6.76
C VAL C 171 -24.45 10.95 6.62
N VAL C 172 -23.80 11.68 5.71
CA VAL C 172 -24.16 13.08 5.40
C VAL C 172 -24.52 13.29 3.92
N ILE C 173 -23.61 12.96 3.00
CA ILE C 173 -23.93 13.08 1.55
C ILE C 173 -24.32 11.68 1.02
N THR C 174 -25.53 11.57 0.50
CA THR C 174 -26.02 10.29 -0.04
C THR C 174 -26.08 10.31 -1.55
N ARG C 175 -25.99 9.14 -2.19
CA ARG C 175 -26.17 9.03 -3.64
C ARG C 175 -27.54 9.51 -4.13
N LYS C 176 -27.54 10.46 -5.07
CA LYS C 176 -28.80 11.03 -5.60
C LYS C 176 -29.56 10.06 -6.55
N ALA C 177 -30.84 9.79 -6.23
CA ALA C 177 -31.66 8.80 -6.98
C ALA C 177 -31.96 9.23 -8.43
N ILE C 178 -31.63 8.36 -9.39
CA ILE C 178 -31.73 8.75 -10.81
C ILE C 178 -32.96 8.18 -11.55
N GLY C 179 -33.85 9.07 -11.98
CA GLY C 179 -35.05 8.70 -12.74
C GLY C 179 -36.27 9.59 -12.45
N ALA C 180 -37.44 9.16 -12.92
CA ALA C 180 -38.72 9.81 -12.53
C ALA C 180 -39.27 9.22 -11.20
N GLY C 181 -39.48 10.05 -10.17
CA GLY C 181 -39.59 11.50 -10.33
C GLY C 181 -41.06 11.78 -10.62
N ARG C 182 -41.84 11.77 -9.53
CA ARG C 182 -43.27 12.12 -9.51
C ARG C 182 -43.50 13.57 -10.01
N PRO C 183 -44.25 13.74 -11.11
CA PRO C 183 -44.41 15.06 -11.75
C PRO C 183 -44.71 16.24 -10.80
N GLY C 184 -43.94 17.32 -10.93
CA GLY C 184 -44.15 18.57 -10.18
C GLY C 184 -43.25 18.76 -8.96
N LEU C 185 -42.70 17.66 -8.45
CA LEU C 185 -42.01 17.69 -7.16
C LEU C 185 -40.77 18.62 -7.08
N PRO C 186 -40.78 19.55 -6.09
CA PRO C 186 -39.72 20.51 -5.69
C PRO C 186 -38.35 19.85 -5.38
N PRO C 187 -37.23 20.59 -5.57
CA PRO C 187 -35.84 20.01 -5.57
C PRO C 187 -35.42 19.33 -4.27
N ASP C 188 -36.13 19.62 -3.17
CA ASP C 188 -35.80 19.08 -1.84
C ASP C 188 -36.92 18.17 -1.31
N SER C 189 -37.62 17.48 -2.22
CA SER C 189 -38.64 16.52 -1.82
C SER C 189 -38.02 15.20 -1.32
N PRO C 190 -38.73 14.49 -0.42
CA PRO C 190 -38.27 13.17 0.00
C PRO C 190 -38.29 12.15 -1.14
N GLN C 191 -37.17 11.45 -1.32
CA GLN C 191 -37.02 10.48 -2.39
C GLN C 191 -36.30 9.26 -1.85
N ILE C 192 -36.67 8.06 -2.31
CA ILE C 192 -35.85 6.85 -2.12
C ILE C 192 -35.98 5.97 -3.38
N PRO C 193 -34.86 5.34 -3.82
CA PRO C 193 -34.96 4.42 -4.96
C PRO C 193 -35.70 3.14 -4.59
N GLU C 194 -36.57 2.63 -5.45
CA GLU C 194 -37.34 1.43 -5.14
C GLU C 194 -36.50 0.20 -4.75
N ASN C 195 -35.31 0.07 -5.35
CA ASN C 195 -34.43 -1.06 -5.05
C ASN C 195 -33.92 -1.00 -3.63
N LEU C 196 -33.51 0.18 -3.19
CA LEU C 196 -33.00 0.35 -1.83
C LEU C 196 -34.14 0.17 -0.81
N TYR C 197 -35.33 0.63 -1.15
CA TYR C 197 -36.47 0.45 -0.26
C TYR C 197 -36.78 -1.05 -0.09
N ASN C 198 -36.88 -1.77 -1.21
CA ASN C 198 -37.28 -3.19 -1.20
C ASN C 198 -36.33 -4.09 -0.38
N SER C 199 -35.05 -3.74 -0.32
CA SER C 199 -34.07 -4.57 0.36
C SER C 199 -33.87 -4.20 1.83
N LEU C 200 -33.97 -2.91 2.13
CA LEU C 200 -34.11 -2.44 3.50
C LEU C 200 -35.29 -3.17 4.12
N ARG C 201 -36.42 -3.22 3.38
CA ARG C 201 -37.66 -3.86 3.88
C ARG C 201 -37.39 -5.30 4.31
N LEU C 202 -36.63 -6.04 3.50
CA LEU C 202 -36.31 -7.46 3.78
C LEU C 202 -35.42 -7.69 4.99
N LYS C 203 -34.75 -6.63 5.46
CA LYS C 203 -33.80 -6.71 6.57
C LYS C 203 -34.18 -5.86 7.82
N THR C 204 -35.45 -5.45 7.87
CA THR C 204 -35.97 -4.64 8.99
C THR C 204 -37.30 -5.15 9.54
N CSO C 205 -37.50 -6.48 9.51
CA CSO C 205 -38.74 -7.05 10.03
CB CSO C 205 -38.92 -8.54 9.64
SG CSO C 205 -38.85 -8.79 7.83
C CSO C 205 -38.90 -6.84 11.52
O CSO C 205 -37.94 -6.85 12.26
OD CSO C 205 -40.55 -8.92 7.26
N ASP C 206 -40.14 -6.63 11.94
CA ASP C 206 -40.52 -6.34 13.30
C ASP C 206 -41.57 -7.29 13.91
N HIS C 207 -41.95 -8.34 13.20
CA HIS C 207 -43.09 -9.20 13.61
C HIS C 207 -42.86 -10.68 13.29
N PHE C 208 -42.84 -11.52 14.32
CA PHE C 208 -42.60 -12.96 14.16
C PHE C 208 -43.64 -13.82 14.91
N ALA C 209 -43.93 -15.01 14.39
CA ALA C 209 -44.99 -15.87 14.95
C ALA C 209 -44.67 -16.34 16.39
N ASN C 210 -43.37 -16.50 16.69
CA ASN C 210 -42.90 -16.94 18.02
C ASN C 210 -41.40 -16.69 18.27
N GLU C 211 -40.97 -17.00 19.51
CA GLU C 211 -39.58 -16.79 19.97
C GLU C 211 -38.54 -17.44 19.08
N SER C 212 -38.79 -18.66 18.64
CA SER C 212 -37.86 -19.36 17.77
C SER C 212 -37.61 -18.57 16.51
N GLU C 213 -38.70 -18.09 15.90
CA GLU C 213 -38.63 -17.41 14.61
C GLU C 213 -37.99 -16.05 14.82
N TYR C 214 -38.31 -15.40 15.95
CA TYR C 214 -37.67 -14.12 16.32
C TYR C 214 -36.14 -14.24 16.39
N VAL C 215 -35.64 -15.20 17.15
CA VAL C 215 -34.21 -15.37 17.31
C VAL C 215 -33.59 -15.80 15.99
N LYS C 216 -34.32 -16.60 15.23
CA LYS C 216 -33.79 -17.17 13.97
C LYS C 216 -33.50 -16.07 12.96
N TYR C 217 -34.46 -15.14 12.83
CA TYR C 217 -34.35 -13.97 11.97
C TYR C 217 -33.25 -13.03 12.45
N MET C 218 -33.23 -12.70 13.73
CA MET C 218 -32.20 -11.79 14.25
C MET C 218 -30.82 -12.34 13.92
N ARG C 219 -30.64 -13.64 14.07
CA ARG C 219 -29.30 -14.24 13.90
C ARG C 219 -28.92 -14.53 12.44
N ASN C 220 -29.90 -14.57 11.54
CA ASN C 220 -29.65 -14.93 10.15
C ASN C 220 -30.12 -13.97 9.06
N GLY C 221 -31.11 -13.13 9.36
CA GLY C 221 -31.74 -12.28 8.35
C GLY C 221 -31.68 -10.80 8.62
N SER C 222 -31.44 -10.39 9.87
CA SER C 222 -31.37 -8.98 10.24
C SER C 222 -30.05 -8.37 9.76
N PHE C 223 -29.87 -7.06 10.03
CA PHE C 223 -28.59 -6.37 9.76
C PHE C 223 -27.45 -6.73 10.70
N PHE C 224 -27.76 -7.49 11.76
CA PHE C 224 -26.79 -7.72 12.87
C PHE C 224 -26.16 -9.12 12.92
N THR C 225 -26.26 -9.89 11.85
CA THR C 225 -25.80 -11.26 11.87
C THR C 225 -24.29 -11.38 12.17
N ASN C 226 -23.50 -10.40 11.75
CA ASN C 226 -22.07 -10.42 12.01
C ASN C 226 -21.62 -9.52 13.14
N ALA C 227 -22.56 -8.99 13.92
CA ALA C 227 -22.19 -8.25 15.13
C ALA C 227 -21.42 -9.14 16.11
N HIS C 228 -20.61 -8.53 16.97
CA HIS C 228 -19.98 -9.22 18.10
C HIS C 228 -21.09 -9.96 18.87
N SER C 229 -20.85 -11.22 19.20
CA SER C 229 -21.89 -12.02 19.83
C SER C 229 -22.43 -11.33 21.07
N GLN C 230 -21.57 -10.64 21.86
CA GLN C 230 -22.06 -9.93 23.06
C GLN C 230 -23.05 -8.85 22.67
N ILE C 231 -22.69 -8.03 21.70
CA ILE C 231 -23.60 -6.98 21.23
C ILE C 231 -24.87 -7.61 20.56
N LEU C 232 -24.68 -8.66 19.77
CA LEU C 232 -25.84 -9.27 19.10
C LEU C 232 -26.86 -9.76 20.14
N GLN C 233 -26.36 -10.36 21.22
CA GLN C 233 -27.18 -10.83 22.36
C GLN C 233 -27.89 -9.67 23.07
N ASN C 234 -27.16 -8.58 23.29
CA ASN C 234 -27.74 -7.36 23.87
C ASN C 234 -28.90 -6.81 23.02
N ILE C 235 -28.69 -6.74 21.69
CA ILE C 235 -29.77 -6.37 20.75
C ILE C 235 -31.00 -7.31 20.84
N ILE C 236 -30.77 -8.61 20.73
CA ILE C 236 -31.87 -9.60 20.80
C ILE C 236 -32.74 -9.47 22.05
N ASP C 237 -32.12 -9.25 23.22
CA ASP C 237 -32.86 -9.20 24.48
C ASP C 237 -33.49 -7.83 24.65
N PHE C 238 -32.83 -6.79 24.15
CA PHE C 238 -33.34 -5.42 24.31
C PHE C 238 -34.55 -5.14 23.43
N GLU C 239 -34.58 -5.71 22.23
CA GLU C 239 -35.67 -5.46 21.29
C GLU C 239 -36.91 -6.33 21.57
N ARG C 240 -36.75 -7.47 22.22
CA ARG C 240 -37.87 -8.38 22.44
C ARG C 240 -39.03 -7.70 23.18
N THR C 241 -40.25 -7.75 22.59
CA THR C 241 -41.48 -7.39 23.34
C THR C 241 -42.69 -8.33 23.05
N LYS C 242 -43.57 -8.50 24.04
CA LYS C 242 -44.68 -9.49 23.95
C LYS C 242 -46.06 -8.84 24.05
N GLY C 251 -46.56 -17.67 21.76
CA GLY C 251 -47.01 -16.30 21.49
C GLY C 251 -46.09 -15.40 20.61
N PRO C 252 -46.70 -14.55 19.75
CA PRO C 252 -45.97 -13.66 18.83
C PRO C 252 -45.05 -12.65 19.47
N VAL C 253 -43.94 -12.38 18.81
CA VAL C 253 -42.94 -11.45 19.32
C VAL C 253 -42.84 -10.26 18.35
N ARG C 254 -42.74 -9.07 18.92
CA ARG C 254 -42.72 -7.81 18.22
C ARG C 254 -41.47 -7.06 18.70
N THR C 255 -40.77 -6.37 17.81
CA THR C 255 -39.56 -5.65 18.24
C THR C 255 -39.92 -4.23 18.71
N LYS C 256 -39.01 -3.60 19.44
CA LYS C 256 -39.21 -2.23 19.84
C LYS C 256 -39.13 -1.37 18.59
N MET C 257 -38.07 -1.57 17.81
CA MET C 257 -37.95 -0.85 16.53
C MET C 257 -39.04 -1.34 15.61
N GLU C 258 -39.78 -0.36 15.08
CA GLU C 258 -40.97 -0.57 14.24
C GLU C 258 -40.52 -0.45 12.80
N GLN C 259 -40.95 -1.36 11.94
CA GLN C 259 -40.38 -1.40 10.60
C GLN C 259 -40.63 -0.12 9.85
N ALA C 260 -41.85 0.42 9.89
CA ALA C 260 -42.14 1.68 9.17
C ALA C 260 -41.20 2.82 9.52
N GLN C 261 -40.84 2.93 10.79
CA GLN C 261 -40.00 4.01 11.28
C GLN C 261 -38.59 3.81 10.85
N ASN C 262 -38.17 2.54 10.86
CA ASN C 262 -36.85 2.12 10.39
C ASN C 262 -36.70 2.55 8.92
N LEU C 263 -37.64 2.15 8.09
CA LEU C 263 -37.63 2.56 6.68
C LEU C 263 -37.71 4.08 6.55
N LEU C 264 -38.48 4.74 7.41
CA LEU C 264 -38.63 6.23 7.40
C LEU C 264 -37.32 6.93 7.72
N CYS C 265 -36.36 6.26 8.34
CA CYS C 265 -35.06 6.86 8.55
C CYS C 265 -34.26 7.09 7.24
N TYR C 266 -34.64 6.43 6.15
CA TYR C 266 -33.92 6.51 4.87
C TYR C 266 -34.66 7.26 3.77
N MET C 267 -35.89 7.75 4.05
CA MET C 267 -36.75 8.27 3.01
C MET C 267 -36.87 9.80 2.95
N ASN C 268 -36.11 10.54 3.77
CA ASN C 268 -36.37 11.99 4.05
C ASN C 268 -35.13 12.93 4.02
N MET C 269 -33.99 12.45 3.51
CA MET C 269 -32.70 13.13 3.68
C MET C 269 -32.72 14.48 3.04
N GLN C 270 -33.39 14.56 1.90
CA GLN C 270 -33.42 15.79 1.13
C GLN C 270 -34.09 16.91 1.89
N THR C 271 -34.88 16.59 2.93
CA THR C 271 -35.57 17.63 3.65
C THR C 271 -34.74 18.22 4.77
N PHE C 272 -33.53 17.71 5.03
CA PHE C 272 -32.70 18.29 6.08
C PHE C 272 -31.19 18.17 5.88
N ALA C 273 -30.71 17.40 4.91
CA ALA C 273 -29.24 17.31 4.68
C ALA C 273 -28.62 18.65 4.22
N PRO C 274 -29.32 19.37 3.33
CA PRO C 274 -28.67 20.58 2.81
C PRO C 274 -28.31 21.60 3.88
N PHE C 275 -29.18 21.77 4.88
CA PHE C 275 -28.91 22.71 5.98
C PHE C 275 -27.62 22.34 6.69
N LEU C 276 -27.41 21.06 6.99
CA LEU C 276 -26.16 20.64 7.62
C LEU C 276 -24.94 20.77 6.71
N ILE C 277 -25.06 20.27 5.50
CA ILE C 277 -24.02 20.38 4.48
C ILE C 277 -23.52 21.83 4.39
N SER C 278 -24.44 22.77 4.41
CA SER C 278 -24.12 24.18 4.27
C SER C 278 -23.30 24.73 5.44
N ASN C 279 -23.37 24.04 6.59
CA ASN C 279 -22.92 24.58 7.87
C ASN C 279 -21.78 23.79 8.50
N VAL C 280 -21.30 22.74 7.84
CA VAL C 280 -20.15 21.99 8.35
C VAL C 280 -18.90 22.87 8.43
N LYS C 281 -18.77 23.84 7.54
CA LYS C 281 -17.70 24.83 7.60
C LYS C 281 -17.63 25.67 8.87
N PHE C 282 -18.69 25.69 9.69
CA PHE C 282 -18.64 26.34 11.00
C PHE C 282 -18.26 25.41 12.17
N VAL C 283 -18.02 24.11 11.93
CA VAL C 283 -17.67 23.19 13.00
C VAL C 283 -16.17 23.22 13.18
N ARG C 284 -15.71 23.97 14.16
CA ARG C 284 -14.27 24.14 14.39
C ARG C 284 -13.64 23.13 15.29
N LYS C 285 -14.42 22.22 15.84
CA LYS C 285 -13.91 21.31 16.83
C LYS C 285 -13.03 20.22 16.22
N ARG C 286 -12.10 19.68 16.99
CA ARG C 286 -11.39 18.47 16.61
C ARG C 286 -12.40 17.37 16.25
N THR C 287 -12.35 16.88 15.03
CA THR C 287 -13.35 15.94 14.58
C THR C 287 -12.67 14.65 14.06
N ILE C 288 -12.96 13.51 14.72
CA ILE C 288 -12.36 12.24 14.34
C ILE C 288 -13.35 11.53 13.45
N HIS C 289 -12.90 11.07 12.29
CA HIS C 289 -13.73 10.38 11.32
C HIS C 289 -13.26 8.93 11.22
N ILE C 290 -14.02 8.01 11.83
CA ILE C 290 -13.65 6.61 11.78
C ILE C 290 -14.47 5.93 10.68
N VAL C 291 -13.78 5.26 9.75
CA VAL C 291 -14.48 4.55 8.66
C VAL C 291 -14.04 3.09 8.55
N GLY C 292 -14.94 2.25 8.04
CA GLY C 292 -14.58 0.89 7.67
C GLY C 292 -13.96 0.75 6.26
N ALA C 293 -12.78 0.16 6.18
CA ALA C 293 -12.10 -0.04 4.91
C ALA C 293 -12.98 -0.65 3.82
N ARG C 294 -13.92 -1.51 4.21
CA ARG C 294 -14.77 -2.22 3.28
C ARG C 294 -16.16 -1.62 3.11
N SER C 295 -16.42 -0.44 3.66
CA SER C 295 -17.73 0.21 3.49
C SER C 295 -17.92 0.81 2.09
N ASN C 296 -19.08 0.54 1.49
CA ASN C 296 -19.56 1.19 0.26
C ASN C 296 -20.85 1.94 0.50
N TRP C 297 -21.26 2.07 1.76
CA TRP C 297 -22.61 2.54 2.13
C TRP C 297 -22.79 4.00 1.72
N CSO C 298 -21.84 4.84 2.12
N CSO C 298 -21.85 4.85 2.09
CA CSO C 298 -21.73 6.21 1.62
CA CSO C 298 -21.86 6.23 1.60
CB CSO C 298 -21.05 7.16 2.63
CB CSO C 298 -21.58 7.22 2.74
SG CSO C 298 -21.34 6.74 4.37
SG CSO C 298 -23.18 7.74 3.43
C CSO C 298 -20.92 6.22 0.34
C CSO C 298 -20.88 6.34 0.44
O CSO C 298 -20.03 5.39 0.18
O CSO C 298 -19.85 5.66 0.45
OD CSO C 298 -19.91 5.90 5.04
OD CSO C 298 -24.46 6.76 2.67
N PRO C 299 -21.22 7.16 -0.58
CA PRO C 299 -20.35 7.36 -1.73
C PRO C 299 -19.07 8.10 -1.37
N PRO C 300 -18.09 8.14 -2.29
CA PRO C 300 -16.79 8.77 -1.97
C PRO C 300 -16.88 10.26 -1.65
N GLN C 301 -17.92 10.89 -2.21
CA GLN C 301 -18.24 12.31 -2.02
C GLN C 301 -18.47 12.66 -0.55
N ASN C 302 -19.07 11.72 0.18
CA ASN C 302 -19.40 11.88 1.59
C ASN C 302 -18.13 12.08 2.43
N GLN C 303 -17.17 11.20 2.26
CA GLN C 303 -15.97 11.30 3.04
C GLN C 303 -15.11 12.43 2.58
N LEU C 304 -14.97 12.64 1.28
CA LEU C 304 -14.15 13.75 0.77
C LEU C 304 -14.69 15.11 1.15
N PHE C 305 -16.00 15.21 1.30
CA PHE C 305 -16.62 16.49 1.69
C PHE C 305 -16.21 16.87 3.11
N LEU C 306 -16.33 15.93 4.01
CA LEU C 306 -16.01 16.16 5.41
C LEU C 306 -14.52 16.49 5.51
N GLN C 307 -13.67 15.86 4.73
CA GLN C 307 -12.24 16.17 4.71
C GLN C 307 -11.88 17.56 4.23
N LYS C 308 -12.51 18.10 3.18
CA LYS C 308 -12.15 19.46 2.71
C LYS C 308 -12.77 20.58 3.54
N THR C 309 -13.81 20.28 4.32
CA THR C 309 -14.65 21.30 4.96
C THR C 309 -14.38 21.48 6.48
N LEU C 310 -14.14 20.39 7.19
CA LEU C 310 -13.74 20.42 8.58
C LEU C 310 -12.29 20.93 8.80
N GLN C 311 -12.14 22.07 9.47
CA GLN C 311 -10.83 22.68 9.69
C GLN C 311 -9.86 21.75 10.39
N ASN C 312 -10.34 20.98 11.37
CA ASN C 312 -9.49 20.18 12.27
C ASN C 312 -9.90 18.73 12.20
N TYR C 313 -9.38 18.01 11.21
CA TYR C 313 -9.91 16.71 10.81
C TYR C 313 -8.88 15.60 10.90
N HIS C 314 -9.29 14.40 11.33
CA HIS C 314 -8.41 13.23 11.33
C HIS C 314 -9.18 11.96 10.94
N LEU C 315 -8.70 11.25 9.94
CA LEU C 315 -9.33 10.03 9.46
C LEU C 315 -8.62 8.81 10.06
N ASP C 316 -9.42 7.87 10.58
CA ASP C 316 -8.98 6.52 10.91
C ASP C 316 -9.74 5.51 10.04
N VAL C 317 -9.00 4.64 9.37
CA VAL C 317 -9.56 3.53 8.61
C VAL C 317 -9.35 2.24 9.42
N ILE C 318 -10.45 1.60 9.83
CA ILE C 318 -10.41 0.30 10.55
C ILE C 318 -10.29 -0.85 9.53
N PRO C 319 -9.09 -1.47 9.43
CA PRO C 319 -8.98 -2.53 8.40
C PRO C 319 -9.97 -3.70 8.62
N GLY C 320 -10.61 -4.11 7.52
CA GLY C 320 -11.60 -5.18 7.50
C GLY C 320 -13.03 -4.71 7.71
N GLY C 321 -13.20 -3.46 8.18
CA GLY C 321 -14.51 -3.00 8.64
C GLY C 321 -15.55 -2.64 7.61
N SER C 322 -16.82 -2.88 7.93
CA SER C 322 -17.95 -2.49 7.12
C SER C 322 -18.56 -1.21 7.67
N HIS C 323 -19.72 -0.82 7.15
CA HIS C 323 -20.48 0.33 7.65
C HIS C 323 -20.93 0.18 9.11
N LEU C 324 -21.20 -1.07 9.51
CA LEU C 324 -21.58 -1.38 10.89
C LEU C 324 -20.37 -1.75 11.72
N VAL C 325 -19.23 -1.10 11.45
CA VAL C 325 -17.98 -1.42 12.10
C VAL C 325 -18.09 -1.24 13.58
N ASN C 326 -19.01 -0.40 14.03
CA ASN C 326 -19.13 -0.09 15.44
C ASN C 326 -19.65 -1.25 16.26
N VAL C 327 -20.51 -2.10 15.69
CA VAL C 327 -21.00 -3.33 16.32
C VAL C 327 -20.30 -4.63 15.85
N GLU C 328 -19.59 -4.61 14.72
CA GLU C 328 -18.96 -5.85 14.20
C GLU C 328 -17.53 -6.03 14.68
N ALA C 329 -16.84 -4.91 14.91
CA ALA C 329 -15.45 -4.88 15.40
C ALA C 329 -15.31 -3.79 16.49
N PRO C 330 -16.06 -3.92 17.58
CA PRO C 330 -16.00 -2.87 18.59
C PRO C 330 -14.64 -2.69 19.27
N ASP C 331 -13.96 -3.77 19.63
CA ASP C 331 -12.63 -3.65 20.23
C ASP C 331 -11.72 -2.66 19.46
N LEU C 332 -11.68 -2.79 18.12
CA LEU C 332 -10.84 -1.91 17.27
C LEU C 332 -11.33 -0.47 17.35
N VAL C 333 -12.64 -0.26 17.29
CA VAL C 333 -13.18 1.11 17.44
C VAL C 333 -12.93 1.73 18.85
N ILE C 334 -13.06 0.92 19.88
CA ILE C 334 -12.74 1.36 21.26
C ILE C 334 -11.27 1.84 21.40
N GLU C 335 -10.32 1.08 20.86
CA GLU C 335 -8.91 1.47 20.87
C GLU C 335 -8.73 2.88 20.26
N ARG C 336 -9.48 3.20 19.22
CA ARG C 336 -9.36 4.51 18.61
C ARG C 336 -10.00 5.59 19.49
N ILE C 337 -11.23 5.34 19.97
CA ILE C 337 -11.90 6.29 20.86
C ILE C 337 -10.98 6.63 22.06
N ASN C 338 -10.41 5.58 22.66
CA ASN C 338 -9.49 5.77 23.76
C ASN C 338 -8.27 6.55 23.33
N HIS C 339 -7.73 6.28 22.15
CA HIS C 339 -6.50 6.99 21.70
C HIS C 339 -6.70 8.53 21.56
N HIS C 340 -7.79 8.93 20.92
CA HIS C 340 -8.06 10.35 20.68
C HIS C 340 -8.54 11.13 21.91
N ILE C 341 -9.38 10.52 22.75
CA ILE C 341 -9.76 11.18 23.99
C ILE C 341 -8.48 11.38 24.79
N HIS C 342 -7.57 10.43 24.76
CA HIS C 342 -6.34 10.54 25.53
C HIS C 342 -5.42 11.62 25.01
N GLU C 343 -5.20 11.71 23.69
CA GLU C 343 -4.32 12.77 23.12
C GLU C 343 -4.99 14.14 23.36
N PHE C 344 -6.32 14.18 23.23
CA PHE C 344 -7.06 15.43 23.46
C PHE C 344 -6.80 16.00 24.86
N VAL C 345 -6.87 15.17 25.89
CA VAL C 345 -6.87 15.66 27.29
C VAL C 345 -5.51 16.12 27.82
N LEU C 346 -4.41 15.46 27.44
CA LEU C 346 -3.06 16.02 27.76
C LEU C 346 -2.46 16.75 26.52
N THR C 347 -2.62 18.07 26.51
CA THR C 347 -2.52 18.97 25.34
C THR C 347 -3.47 20.09 25.76
N SER C 348 -4.60 19.70 26.34
CA SER C 348 -5.34 20.62 27.19
C SER C 348 -4.55 20.72 28.48
N PRO C 349 -3.81 21.84 28.66
CA PRO C 349 -3.14 22.02 29.96
C PRO C 349 -4.13 21.88 31.14
N LEU C 350 -3.65 21.32 32.24
CA LEU C 350 -4.46 21.09 33.43
C LEU C 350 -5.38 22.26 33.86
N GLN C 351 -6.63 21.93 34.15
CA GLN C 351 -7.69 22.90 34.48
C GLN C 351 -7.99 22.86 35.98
N SER C 352 -8.08 24.03 36.61
CA SER C 352 -8.34 24.15 38.04
C SER C 352 -9.77 23.78 38.40
N SER C 353 -9.90 23.06 39.52
CA SER C 353 -11.17 22.48 39.95
C SER C 353 -12.08 23.34 40.87
N HIS C 354 -11.58 24.43 41.46
CA HIS C 354 -12.30 25.09 42.58
C HIS C 354 -13.27 26.21 42.22
N ILE C 355 -14.43 26.26 42.89
CA ILE C 355 -15.49 27.26 42.61
C ILE C 355 -15.44 28.56 43.51
N PRO C 356 -15.03 29.69 42.90
CA PRO C 356 -14.41 30.89 43.52
C PRO C 356 -15.01 31.78 44.65
N GLN C 357 -16.32 31.96 44.83
CA GLN C 357 -16.79 32.95 45.86
C GLN C 357 -16.20 34.38 45.72
N LEU C 358 -16.93 35.31 45.09
CA LEU C 358 -16.51 36.71 44.86
C LEU C 358 -17.66 37.68 45.18
N THR C 359 -17.33 38.82 45.80
CA THR C 359 -18.31 39.85 46.15
C THR C 359 -18.64 40.67 44.91
N LEU C 360 -19.76 41.40 44.96
CA LEU C 360 -20.17 42.35 43.92
C LEU C 360 -19.04 43.34 43.63
N GLU C 361 -18.38 43.78 44.69
CA GLU C 361 -17.36 44.83 44.56
C GLU C 361 -16.13 44.25 43.88
N GLU C 362 -15.74 43.06 44.30
CA GLU C 362 -14.67 42.33 43.63
C GLU C 362 -14.96 42.07 42.12
N ARG C 363 -16.21 41.75 41.80
CA ARG C 363 -16.60 41.46 40.44
C ARG C 363 -16.53 42.72 39.60
N ALA C 364 -16.92 43.86 40.16
CA ALA C 364 -17.00 45.09 39.39
C ALA C 364 -15.58 45.54 38.97
N VAL C 365 -14.65 45.27 39.88
CA VAL C 365 -13.25 45.56 39.66
C VAL C 365 -12.72 44.65 38.59
N MET C 366 -13.07 43.36 38.64
CA MET C 366 -12.60 42.37 37.62
C MET C 366 -13.15 42.65 36.24
N PHE C 367 -14.42 43.06 36.19
CA PHE C 367 -15.09 43.41 34.94
C PHE C 367 -14.46 44.62 34.28
N ASP C 368 -14.32 45.73 35.00
CA ASP C 368 -13.75 46.97 34.43
C ASP C 368 -12.43 46.67 33.76
N ARG C 369 -11.69 45.79 34.38
CA ARG C 369 -10.41 45.37 33.86
C ARG C 369 -10.56 44.48 32.58
N ALA C 370 -11.51 43.57 32.62
CA ALA C 370 -11.81 42.73 31.46
C ALA C 370 -12.27 43.59 30.29
N PHE C 371 -13.14 44.58 30.56
CA PHE C 371 -13.65 45.53 29.54
C PHE C 371 -12.54 46.37 28.90
N ASP C 372 -11.65 46.91 29.73
CA ASP C 372 -10.54 47.65 29.20
C ASP C 372 -9.67 46.85 28.24
N SER C 373 -9.19 45.69 28.67
CA SER C 373 -8.43 44.84 27.77
C SER C 373 -9.22 44.58 26.46
N PHE C 374 -10.51 44.29 26.55
CA PHE C 374 -11.28 43.98 25.37
C PHE C 374 -11.41 45.21 24.46
N LYS C 375 -11.56 46.39 25.07
CA LYS C 375 -11.65 47.66 24.34
C LYS C 375 -10.39 47.92 23.51
N ASN C 376 -9.22 47.73 24.11
CA ASN C 376 -7.96 47.92 23.41
C ASN C 376 -7.81 46.96 22.24
N GLU C 377 -8.15 45.68 22.41
CA GLU C 377 -8.14 44.72 21.31
C GLU C 377 -9.12 45.11 20.20
N ALA C 378 -10.24 45.71 20.54
CA ALA C 378 -11.32 45.91 19.57
C ALA C 378 -11.24 47.23 18.86
N LEU C 379 -10.60 48.20 19.49
CA LEU C 379 -10.51 49.55 18.94
C LEU C 379 -9.60 49.65 17.72
N VAL C 380 -10.12 50.27 16.66
CA VAL C 380 -9.36 50.52 15.44
C VAL C 380 -9.19 52.03 15.21
N LYS C 381 -7.98 52.52 15.54
CA LYS C 381 -7.63 53.93 15.43
C LYS C 381 -7.38 54.23 13.96
N THR C 382 -7.81 55.41 13.50
CA THR C 382 -7.52 55.80 12.12
C THR C 382 -6.11 56.38 12.03
N THR C 383 -5.59 56.47 10.79
CA THR C 383 -4.22 56.99 10.48
C THR C 383 -3.72 58.19 11.33
N LYS C 384 -4.45 59.31 11.28
CA LYS C 384 -4.16 60.48 12.12
C LYS C 384 -4.09 60.10 13.60
N GLN C 385 -5.04 59.28 14.05
CA GLN C 385 -5.07 58.85 15.46
C GLN C 385 -3.79 58.09 15.86
N LYS C 386 -3.36 57.16 15.00
CA LYS C 386 -2.18 56.30 15.29
C LYS C 386 -0.90 57.12 15.55
N LEU C 387 -0.70 58.13 14.69
CA LEU C 387 0.41 59.10 14.75
C LEU C 387 0.46 59.91 16.06
P PO4 D . 5.39 -38.21 -10.95
O1 PO4 D . 4.99 -39.64 -11.31
O2 PO4 D . 6.52 -38.11 -9.92
O3 PO4 D . 5.87 -37.52 -12.23
O4 PO4 D . 4.13 -37.50 -10.46
P PO4 E . -4.85 21.36 -7.22
O1 PO4 E . -5.53 20.03 -7.54
O2 PO4 E . -4.19 21.29 -5.86
O3 PO4 E . -3.85 21.77 -8.31
O4 PO4 E . -5.95 22.38 -7.20
P PO4 F . -21.20 -2.06 3.32
O1 PO4 F . -20.52 -3.31 2.73
O2 PO4 F . -20.43 -1.65 4.55
O3 PO4 F . -21.23 -0.99 2.25
O4 PO4 F . -22.63 -2.34 3.72
#